data_3IPV
#
_entry.id   3IPV
#
_cell.length_a   60.998
_cell.length_b   60.792
_cell.length_c   78.179
_cell.angle_alpha   101.32
_cell.angle_beta   91.38
_cell.angle_gamma   104.32
#
_symmetry.space_group_name_H-M   'P 1'
#
loop_
_entity.id
_entity.type
_entity.pdbx_description
1 polymer 'Lectin alpha chain'
2 polymer 'Lectin beta chain'
3 non-polymer 'CALCIUM ION'
4 non-polymer 'MANGANESE (II) ION'
5 water water
#
loop_
_entity_poly.entity_id
_entity_poly.type
_entity_poly.pdbx_seq_one_letter_code
_entity_poly.pdbx_strand_id
1 'polypeptide(L)'
;AEETSFVFSKFKPLEPNLILQGDALVTVAGVLQLTNVDKNGVPEPSSLGRATYSAPINIWDSATGLVASFATSFRFTIYA
PNIATIADGLAFFLAPVASAPDSGGGFLGLFDSAVSGSTYQTVAVEFDTYENTVFTDPPYTHIGFDVNSISSIKTVKWSL
ANGEAAKVLITYNSAVKLLVASLVYPSSKTSFILADIVDLSSVLPEWVRVGFSAATGASGGKIETHDVFSWSFASKLAG
(UNK)(UNK)TKDSSFLDGG
;
A,C
2 'polypeptide(L)'
;AEETSFVFSKFKPLEPNLILQGDALVTVAGVLQLTNVDSNGVPEPSSLGRATYSAPINIWDSATGLVASFATSFRFTIYA
PNIATIADGLAFFLAPVASAPDSGGGFLGLFDSAVGDTTYQTVAVEFDTYENTVFTDPPYTHIGFDVNSISSIKTVKWSL
ANGEAAKVLITYNSAVKLLVASLVYPSSKTSFILADIVDLSSVLPEWVRVGFSAATGASKGYIETHDVFSWSFASKLAG
;
B,D
#
# COMPACT_ATOMS: atom_id res chain seq x y z
N ALA A 1 0.27 2.79 -14.29
CA ALA A 1 0.26 4.18 -13.71
C ALA A 1 1.67 4.67 -13.35
N GLU A 2 1.90 5.98 -13.53
CA GLU A 2 3.02 6.69 -12.95
C GLU A 2 2.67 7.11 -11.51
N GLU A 3 3.56 6.81 -10.55
CA GLU A 3 3.32 7.05 -9.14
C GLU A 3 4.52 7.59 -8.45
N THR A 4 4.25 8.54 -7.53
CA THR A 4 5.21 9.12 -6.63
C THR A 4 4.65 9.21 -5.22
N SER A 5 5.45 8.78 -4.22
CA SER A 5 5.05 8.73 -2.86
C SER A 5 6.26 8.95 -1.95
N PHE A 6 5.96 9.51 -0.79
CA PHE A 6 6.93 9.68 0.26
C PHE A 6 6.26 9.88 1.55
N VAL A 7 7.00 9.56 2.61
CA VAL A 7 6.50 9.85 3.96
C VAL A 7 7.66 10.39 4.85
N PHE A 8 7.45 11.49 5.55
CA PHE A 8 8.43 12.04 6.50
C PHE A 8 7.69 11.94 7.81
N SER A 9 7.94 10.93 8.62
CA SER A 9 7.29 10.90 9.93
C SER A 9 7.93 11.87 10.90
N LYS A 10 9.14 12.34 10.60
CA LYS A 10 9.84 13.47 11.30
C LYS A 10 10.61 14.07 10.19
N PHE A 11 11.26 15.21 10.43
CA PHE A 11 12.26 15.75 9.48
C PHE A 11 13.66 15.68 10.05
N LYS A 12 14.69 15.86 9.21
CA LYS A 12 16.06 15.84 9.75
C LYS A 12 16.83 17.10 9.40
N PRO A 13 17.75 17.51 10.31
CA PRO A 13 18.70 18.58 9.97
C PRO A 13 19.30 18.37 8.58
N LEU A 14 19.79 17.17 8.26
CA LEU A 14 20.20 16.96 6.90
C LEU A 14 19.10 16.21 6.08
N GLU A 15 18.48 16.89 5.12
CA GLU A 15 17.30 16.36 4.45
C GLU A 15 17.41 16.69 2.93
N PRO A 16 18.29 16.01 2.22
CA PRO A 16 18.53 16.41 0.84
C PRO A 16 17.36 16.12 -0.11
N ASN A 17 16.31 15.39 0.32
CA ASN A 17 15.12 15.20 -0.54
C ASN A 17 14.06 16.27 -0.30
N LEU A 18 14.41 17.30 0.48
CA LEU A 18 13.54 18.44 0.69
C LEU A 18 14.36 19.69 0.33
N ILE A 19 13.83 20.50 -0.57
CA ILE A 19 14.39 21.80 -0.92
C ILE A 19 13.80 22.90 -0.05
N LEU A 20 14.64 23.50 0.78
CA LEU A 20 14.27 24.58 1.67
C LEU A 20 14.52 25.94 1.01
N GLN A 21 13.57 26.86 1.11
CA GLN A 21 13.66 28.18 0.48
C GLN A 21 13.26 29.17 1.52
N GLY A 22 13.79 30.38 1.38
CA GLY A 22 13.53 31.41 2.36
C GLY A 22 14.11 31.07 3.72
N ASP A 23 13.29 31.21 4.78
CA ASP A 23 13.79 31.04 6.18
C ASP A 23 13.64 29.64 6.74
N ALA A 24 13.03 28.74 5.96
CA ALA A 24 12.67 27.36 6.38
C ALA A 24 13.86 26.55 6.77
N LEU A 25 13.74 25.83 7.87
CA LEU A 25 14.86 25.03 8.40
C LEU A 25 14.28 23.90 9.21
N VAL A 26 14.98 22.78 9.32
CA VAL A 26 14.54 21.72 10.17
C VAL A 26 15.35 21.83 11.49
N THR A 27 14.71 21.69 12.64
CA THR A 27 15.41 21.82 13.91
C THR A 27 15.98 20.50 14.26
N VAL A 28 16.81 20.51 15.29
CA VAL A 28 17.37 19.23 15.71
C VAL A 28 16.30 18.33 16.40
N ALA A 29 15.15 18.86 16.87
CA ALA A 29 14.08 17.97 17.38
C ALA A 29 13.23 17.39 16.20
N GLY A 30 13.60 17.76 14.98
CA GLY A 30 12.91 17.20 13.79
C GLY A 30 11.68 17.92 13.31
N VAL A 31 11.57 19.17 13.73
CA VAL A 31 10.45 20.02 13.36
C VAL A 31 10.80 20.86 12.15
N LEU A 32 9.94 20.90 11.15
CA LEU A 32 10.13 21.81 10.00
C LEU A 32 9.49 23.19 10.36
N GLN A 33 10.36 24.17 10.71
CA GLN A 33 9.94 25.53 11.05
C GLN A 33 9.94 26.28 9.74
N LEU A 34 8.78 26.48 9.15
CA LEU A 34 8.72 27.20 7.87
C LEU A 34 9.14 28.64 7.99
N THR A 35 8.75 29.27 9.10
CA THR A 35 9.08 30.67 9.35
C THR A 35 9.92 30.82 10.64
N ASN A 36 10.73 31.88 10.69
CA ASN A 36 11.69 32.16 11.79
C ASN A 36 11.12 32.02 13.17
N VAL A 37 11.76 31.19 13.99
CA VAL A 37 11.38 31.11 15.41
C VAL A 37 12.67 31.26 16.24
N ASP A 38 12.65 32.09 17.29
CA ASP A 38 13.90 32.26 18.04
C ASP A 38 14.08 31.14 19.05
N LYS A 39 15.13 31.23 19.87
CA LYS A 39 15.57 30.09 20.69
C LYS A 39 14.54 29.73 21.79
N ASN A 40 13.73 30.70 22.17
CA ASN A 40 12.73 30.50 23.18
C ASN A 40 11.39 29.99 22.65
N GLY A 41 11.28 29.84 21.34
CA GLY A 41 10.01 29.47 20.68
C GLY A 41 9.21 30.66 20.16
N VAL A 42 9.82 31.83 20.19
CA VAL A 42 9.07 33.06 19.89
C VAL A 42 9.15 33.35 18.42
N PRO A 43 8.01 33.36 17.74
CA PRO A 43 8.08 33.54 16.30
C PRO A 43 8.48 34.95 15.94
N GLU A 44 9.00 35.16 14.73
CA GLU A 44 9.55 36.49 14.31
C GLU A 44 8.75 37.13 13.14
N PRO A 45 8.73 38.45 13.07
CA PRO A 45 7.94 38.96 11.95
C PRO A 45 8.75 39.05 10.62
N SER A 46 8.16 39.55 9.55
CA SER A 46 8.86 39.76 8.27
C SER A 46 9.43 38.43 7.76
N SER A 47 8.75 37.34 8.07
CA SER A 47 9.31 36.01 7.70
C SER A 47 8.58 35.24 6.57
N LEU A 48 9.35 34.51 5.74
CA LEU A 48 8.81 33.70 4.65
C LEU A 48 9.67 32.44 4.42
N GLY A 49 9.06 31.27 4.45
CA GLY A 49 9.79 30.04 4.13
C GLY A 49 8.96 29.03 3.38
N ARG A 50 9.63 28.15 2.63
CA ARG A 50 9.02 27.11 1.86
C ARG A 50 9.86 25.84 1.95
N ALA A 51 9.19 24.69 1.78
CA ALA A 51 9.84 23.38 1.73
C ALA A 51 9.13 22.59 0.63
N THR A 52 9.89 22.07 -0.33
CA THR A 52 9.26 21.30 -1.40
C THR A 52 10.01 19.96 -1.59
N TYR A 53 9.26 18.91 -1.87
CA TYR A 53 9.89 17.64 -2.17
C TYR A 53 10.79 17.76 -3.41
N SER A 54 11.97 17.14 -3.36
CA SER A 54 12.93 17.42 -4.38
C SER A 54 12.55 16.85 -5.75
N ALA A 55 11.77 15.77 -5.79
CA ALA A 55 11.42 15.17 -7.08
C ALA A 55 10.12 15.71 -7.70
N PRO A 56 10.21 16.14 -8.96
CA PRO A 56 9.06 16.54 -9.77
C PRO A 56 7.99 15.40 -9.74
N ILE A 57 6.73 15.76 -9.81
CA ILE A 57 5.61 14.81 -9.77
C ILE A 57 4.91 15.03 -11.09
N ASN A 58 4.56 13.94 -11.75
CA ASN A 58 3.73 13.98 -12.99
C ASN A 58 2.24 14.04 -12.62
N ILE A 59 1.64 15.23 -12.74
CA ILE A 59 0.28 15.51 -12.27
C ILE A 59 -0.80 15.38 -13.44
N TRP A 60 -0.37 15.59 -14.69
CA TRP A 60 -1.22 15.22 -15.82
C TRP A 60 -0.40 14.93 -17.07
N ASP A 61 -1.04 14.39 -18.11
CA ASP A 61 -0.33 13.90 -19.29
C ASP A 61 -1.00 14.32 -20.58
N SER A 62 -0.28 15.02 -21.46
CA SER A 62 -0.93 15.62 -22.62
C SER A 62 -1.29 14.57 -23.69
N ALA A 63 -0.51 13.49 -23.77
CA ALA A 63 -0.74 12.44 -24.80
C ALA A 63 -2.04 11.67 -24.49
N THR A 64 -2.27 11.40 -23.20
CA THR A 64 -3.49 10.74 -22.77
C THR A 64 -4.60 11.72 -22.39
N GLY A 65 -4.22 12.93 -21.97
CA GLY A 65 -5.19 13.88 -21.36
C GLY A 65 -5.58 13.51 -19.90
N LEU A 66 -5.08 12.37 -19.41
CA LEU A 66 -5.33 11.98 -17.99
C LEU A 66 -4.72 12.92 -16.93
N VAL A 67 -5.32 12.93 -15.75
CA VAL A 67 -4.82 13.75 -14.63
C VAL A 67 -4.67 12.86 -13.42
N ALA A 68 -3.66 13.13 -12.59
CA ALA A 68 -3.43 12.34 -11.40
C ALA A 68 -4.42 12.61 -10.35
N SER A 69 -4.67 11.59 -9.55
CA SER A 69 -5.32 11.75 -8.31
C SER A 69 -4.13 11.80 -7.36
N PHE A 70 -4.30 12.50 -6.26
CA PHE A 70 -3.34 12.45 -5.19
C PHE A 70 -4.00 12.60 -3.80
N ALA A 71 -3.22 12.25 -2.78
CA ALA A 71 -3.61 12.48 -1.43
C ALA A 71 -2.39 12.94 -0.66
N THR A 72 -2.56 13.91 0.22
CA THR A 72 -1.45 14.25 1.10
C THR A 72 -1.94 14.45 2.55
N SER A 73 -1.08 14.17 3.52
CA SER A 73 -1.53 14.16 4.92
C SER A 73 -0.39 14.93 5.65
N PHE A 74 -0.68 15.88 6.55
CA PHE A 74 0.41 16.39 7.34
C PHE A 74 -0.07 16.86 8.69
N ARG A 75 0.84 17.04 9.62
CA ARG A 75 0.49 17.43 10.98
C ARG A 75 1.24 18.71 11.30
N PHE A 76 0.55 19.78 11.74
CA PHE A 76 1.26 21.07 11.92
C PHE A 76 0.78 21.88 13.13
N THR A 77 1.64 22.71 13.71
CA THR A 77 1.24 23.54 14.84
C THR A 77 1.44 25.01 14.51
N ILE A 78 0.45 25.81 14.86
CA ILE A 78 0.58 27.26 14.77
C ILE A 78 0.49 27.73 16.22
N TYR A 79 1.56 28.35 16.71
CA TYR A 79 1.56 28.96 18.03
C TYR A 79 1.73 30.48 17.94
N ALA A 80 0.86 31.21 18.65
CA ALA A 80 0.88 32.67 18.66
C ALA A 80 0.97 33.11 20.12
N PRO A 81 2.02 33.89 20.47
CA PRO A 81 2.11 34.38 21.86
C PRO A 81 1.00 35.37 22.19
N ASN A 82 0.47 36.05 21.17
CA ASN A 82 -0.73 36.90 21.37
C ASN A 82 -1.79 36.65 20.31
N ILE A 83 -2.87 35.96 20.67
CA ILE A 83 -3.86 35.48 19.68
C ILE A 83 -4.72 36.59 19.06
N ALA A 84 -4.59 37.82 19.55
CA ALA A 84 -5.29 38.94 18.97
C ALA A 84 -4.54 39.54 17.78
N THR A 85 -3.26 39.20 17.63
CA THR A 85 -2.47 39.81 16.58
C THR A 85 -1.68 38.68 15.87
N ILE A 86 -2.28 37.97 14.91
CA ILE A 86 -1.69 36.78 14.23
C ILE A 86 -1.66 36.95 12.71
N ALA A 87 -0.79 36.23 12.00
CA ALA A 87 -0.59 36.47 10.58
C ALA A 87 0.61 35.67 10.15
N ASP A 88 0.76 35.34 8.88
CA ASP A 88 -0.27 35.44 7.79
C ASP A 88 -0.82 34.10 7.39
N GLY A 89 -0.01 33.04 7.53
CA GLY A 89 -0.54 31.72 7.36
C GLY A 89 0.41 30.69 6.72
N LEU A 90 -0.07 29.47 6.56
CA LEU A 90 0.61 28.51 5.75
C LEU A 90 -0.24 27.95 4.59
N ALA A 91 0.42 27.30 3.62
CA ALA A 91 -0.28 26.60 2.54
C ALA A 91 0.47 25.36 2.07
N PHE A 92 -0.28 24.38 1.58
CA PHE A 92 0.28 23.26 0.85
C PHE A 92 0.05 23.61 -0.62
N PHE A 93 1.03 23.39 -1.49
CA PHE A 93 0.80 23.83 -2.86
C PHE A 93 1.45 22.91 -3.86
N LEU A 94 0.93 23.00 -5.10
CA LEU A 94 1.45 22.43 -6.33
C LEU A 94 1.82 23.63 -7.24
N ALA A 95 3.04 23.64 -7.78
CA ALA A 95 3.42 24.75 -8.65
C ALA A 95 4.46 24.28 -9.65
N PRO A 96 4.86 25.14 -10.62
CA PRO A 96 5.82 24.60 -11.61
C PRO A 96 7.13 24.04 -10.99
N VAL A 97 7.79 23.16 -11.74
CA VAL A 97 9.00 22.54 -11.18
C VAL A 97 10.03 23.59 -10.69
N ALA A 98 10.22 24.69 -11.42
CA ALA A 98 11.21 25.70 -10.98
C ALA A 98 10.70 26.83 -10.03
N SER A 99 9.52 26.70 -9.42
CA SER A 99 8.95 27.84 -8.71
C SER A 99 9.88 28.24 -7.55
N ALA A 100 9.81 29.52 -7.22
CA ALA A 100 10.56 30.10 -6.11
C ALA A 100 9.60 30.98 -5.36
N PRO A 101 9.91 31.28 -4.08
CA PRO A 101 9.03 32.13 -3.27
C PRO A 101 8.65 33.43 -4.02
N ASP A 102 7.36 33.74 -4.01
CA ASP A 102 6.88 35.05 -4.44
C ASP A 102 6.84 36.00 -3.25
N SER A 103 5.89 36.94 -3.26
CA SER A 103 5.78 37.94 -2.19
C SER A 103 5.33 37.33 -0.84
N GLY A 104 5.76 37.94 0.28
CA GLY A 104 5.48 37.41 1.61
C GLY A 104 4.18 37.93 2.22
N GLY A 105 4.16 38.08 3.53
CA GLY A 105 2.93 38.46 4.25
C GLY A 105 1.71 37.72 3.70
N GLY A 106 0.62 38.46 3.45
CA GLY A 106 -0.64 37.86 2.99
C GLY A 106 -0.61 37.12 1.66
N PHE A 107 0.49 37.26 0.91
CA PHE A 107 0.65 36.52 -0.34
C PHE A 107 1.18 35.10 -0.13
N LEU A 108 1.58 34.79 1.10
CA LEU A 108 1.94 33.42 1.48
C LEU A 108 3.11 32.79 0.74
N GLY A 109 3.97 33.62 0.15
CA GLY A 109 5.04 33.09 -0.70
C GLY A 109 4.59 32.57 -2.08
N LEU A 110 3.33 32.74 -2.46
CA LEU A 110 2.81 32.07 -3.65
C LEU A 110 2.29 32.93 -4.78
N PHE A 111 1.96 34.19 -4.51
CA PHE A 111 1.47 35.12 -5.53
C PHE A 111 2.10 36.47 -5.37
N ASP A 112 1.98 37.31 -6.42
CA ASP A 112 2.61 38.63 -6.38
C ASP A 112 1.62 39.72 -6.11
N SER A 113 0.33 39.44 -6.33
CA SER A 113 -0.68 40.49 -6.10
C SER A 113 -2.07 39.86 -6.02
N ALA A 114 -3.06 40.73 -5.80
CA ALA A 114 -4.45 40.34 -5.61
C ALA A 114 -5.03 39.72 -6.89
N VAL A 115 -4.47 40.16 -8.01
CA VAL A 115 -4.99 39.82 -9.32
C VAL A 115 -4.75 38.33 -9.63
N SER A 116 -5.77 37.68 -10.18
CA SER A 116 -5.66 36.36 -10.81
C SER A 116 -4.76 36.36 -12.06
N GLY A 117 -4.01 35.29 -12.28
CA GLY A 117 -3.20 35.18 -13.50
C GLY A 117 -2.73 33.75 -13.72
N SER A 118 -3.02 33.24 -14.93
CA SER A 118 -2.77 31.84 -15.34
C SER A 118 -1.31 31.45 -15.36
N THR A 119 -0.46 32.47 -15.35
CA THR A 119 0.97 32.27 -15.49
C THR A 119 1.58 31.75 -14.15
N TYR A 120 0.88 31.98 -13.03
CA TYR A 120 1.31 31.41 -11.75
C TYR A 120 1.39 29.87 -11.83
N GLN A 121 0.43 29.27 -12.50
CA GLN A 121 0.29 27.83 -12.53
C GLN A 121 0.46 27.22 -11.13
N THR A 122 -0.27 27.79 -10.17
CA THR A 122 -0.19 27.41 -8.77
C THR A 122 -1.59 27.12 -8.27
N VAL A 123 -1.76 25.98 -7.64
CA VAL A 123 -2.97 25.65 -6.90
C VAL A 123 -2.60 25.43 -5.39
N ALA A 124 -3.32 26.02 -4.44
CA ALA A 124 -2.87 25.91 -3.05
C ALA A 124 -4.04 25.74 -2.12
N VAL A 125 -3.82 25.06 -0.99
CA VAL A 125 -4.82 25.00 0.09
C VAL A 125 -4.18 25.84 1.20
N GLU A 126 -4.76 27.00 1.47
CA GLU A 126 -4.32 27.86 2.54
C GLU A 126 -5.05 27.66 3.88
N PHE A 127 -4.31 27.98 4.93
CA PHE A 127 -4.78 28.04 6.27
C PHE A 127 -4.34 29.43 6.65
N ASP A 128 -5.25 30.34 6.38
CA ASP A 128 -5.01 31.78 6.40
C ASP A 128 -5.43 32.42 7.75
N THR A 129 -4.46 33.03 8.41
CA THR A 129 -4.71 33.57 9.72
C THR A 129 -4.87 35.10 9.83
N TYR A 130 -4.99 35.79 8.70
CA TYR A 130 -5.19 37.27 8.80
C TYR A 130 -6.05 37.79 7.65
N GLU A 131 -7.01 38.65 7.99
CA GLU A 131 -7.95 39.10 6.98
C GLU A 131 -7.34 40.19 6.13
N ASN A 132 -7.14 39.88 4.86
CA ASN A 132 -6.69 40.84 3.86
C ASN A 132 -7.89 41.22 3.05
N THR A 133 -8.39 42.41 3.31
CA THR A 133 -9.61 42.76 2.66
C THR A 133 -9.44 42.94 1.13
N VAL A 134 -8.30 43.45 0.66
CA VAL A 134 -8.13 43.60 -0.82
C VAL A 134 -7.92 42.25 -1.52
N PHE A 135 -7.87 41.17 -0.72
CA PHE A 135 -7.88 39.77 -1.25
C PHE A 135 -9.25 39.15 -1.04
N THR A 136 -10.22 39.95 -0.58
CA THR A 136 -11.57 39.41 -0.31
C THR A 136 -11.52 38.22 0.72
N ASP A 137 -10.54 38.25 1.65
CA ASP A 137 -10.50 37.26 2.76
C ASP A 137 -11.80 37.34 3.50
N PRO A 138 -12.37 36.20 3.91
CA PRO A 138 -13.53 36.41 4.84
C PRO A 138 -13.14 36.94 6.26
N PRO A 139 -14.14 37.41 7.00
CA PRO A 139 -14.06 37.94 8.38
C PRO A 139 -13.56 36.97 9.48
N TYR A 140 -13.00 35.82 9.14
CA TYR A 140 -12.54 34.88 10.16
C TYR A 140 -11.35 34.19 9.58
N THR A 141 -10.60 33.49 10.44
CA THR A 141 -9.53 32.57 10.03
C THR A 141 -10.18 31.44 9.21
N HIS A 142 -9.53 30.91 8.17
CA HIS A 142 -10.24 30.09 7.17
C HIS A 142 -9.27 29.23 6.40
N ILE A 143 -9.81 28.20 5.79
CA ILE A 143 -9.09 27.36 4.86
C ILE A 143 -9.59 27.84 3.51
N GLY A 144 -8.75 27.85 2.47
CA GLY A 144 -9.23 28.37 1.20
C GLY A 144 -8.56 27.55 0.12
N PHE A 145 -9.20 27.47 -1.07
CA PHE A 145 -8.56 26.89 -2.25
C PHE A 145 -8.18 28.08 -3.11
N ASP A 146 -6.92 28.16 -3.50
CA ASP A 146 -6.37 29.25 -4.34
C ASP A 146 -5.94 28.66 -5.67
N VAL A 147 -6.54 29.11 -6.75
CA VAL A 147 -6.23 28.59 -8.08
C VAL A 147 -5.75 29.83 -8.85
N ASN A 148 -4.42 29.98 -8.96
CA ASN A 148 -3.75 31.09 -9.70
C ASN A 148 -4.07 32.47 -9.16
N SER A 149 -4.60 32.47 -7.94
CA SER A 149 -4.95 33.70 -7.26
C SER A 149 -4.93 33.60 -5.73
N ILE A 150 -4.50 34.68 -5.05
CA ILE A 150 -4.60 34.75 -3.55
C ILE A 150 -6.08 34.93 -3.07
N SER A 151 -6.92 35.43 -4.00
CA SER A 151 -8.38 35.45 -3.82
C SER A 151 -8.93 34.03 -4.02
N SER A 152 -9.03 33.31 -2.91
CA SER A 152 -9.49 31.90 -2.88
C SER A 152 -10.73 31.73 -3.70
N ILE A 153 -10.82 30.67 -4.52
CA ILE A 153 -12.06 30.40 -5.25
C ILE A 153 -13.17 29.90 -4.28
N LYS A 154 -12.77 29.30 -3.15
CA LYS A 154 -13.78 28.95 -2.10
C LYS A 154 -13.08 28.91 -0.77
N THR A 155 -13.75 29.22 0.32
CA THR A 155 -13.16 29.18 1.64
C THR A 155 -14.17 28.59 2.66
N VAL A 156 -13.73 28.26 3.86
CA VAL A 156 -14.69 27.93 4.92
C VAL A 156 -13.95 28.31 6.17
N LYS A 157 -14.67 28.42 7.29
CA LYS A 157 -14.10 28.79 8.56
C LYS A 157 -13.24 27.70 9.19
N TRP A 158 -12.15 28.13 9.80
CA TRP A 158 -11.31 27.28 10.57
C TRP A 158 -11.00 28.12 11.85
N SER A 159 -11.37 27.58 13.01
CA SER A 159 -10.97 28.15 14.29
C SER A 159 -9.59 27.55 14.68
N LEU A 160 -8.59 28.39 14.56
CA LEU A 160 -7.26 28.01 15.01
C LEU A 160 -7.29 27.70 16.52
N ALA A 161 -6.85 26.49 16.91
CA ALA A 161 -6.62 26.18 18.33
C ALA A 161 -5.14 26.47 18.67
N ASN A 162 -4.88 27.61 19.37
CA ASN A 162 -3.50 28.15 19.55
C ASN A 162 -2.53 27.14 20.13
N GLY A 163 -1.41 26.84 19.43
CA GLY A 163 -0.35 25.96 19.95
C GLY A 163 -0.64 24.47 19.98
N GLU A 164 -1.68 24.02 19.29
CA GLU A 164 -2.12 22.62 19.31
C GLU A 164 -1.95 22.02 17.93
N ALA A 165 -1.66 20.74 17.88
CA ALA A 165 -1.33 20.09 16.57
C ALA A 165 -2.56 19.83 15.72
N ALA A 166 -2.50 20.24 14.46
CA ALA A 166 -3.65 20.11 13.53
C ALA A 166 -3.31 19.04 12.49
N LYS A 167 -4.21 18.07 12.29
CA LYS A 167 -4.02 17.01 11.33
C LYS A 167 -4.84 17.33 10.08
N VAL A 168 -4.18 17.44 8.95
CA VAL A 168 -4.78 17.77 7.66
C VAL A 168 -4.79 16.57 6.70
N LEU A 169 -5.87 16.38 5.96
CA LEU A 169 -5.85 15.44 4.81
C LEU A 169 -6.35 16.24 3.60
N ILE A 170 -5.60 16.25 2.51
CA ILE A 170 -6.02 16.89 1.30
C ILE A 170 -6.00 15.81 0.26
N THR A 171 -7.08 15.70 -0.50
CA THR A 171 -7.20 14.70 -1.52
C THR A 171 -7.75 15.31 -2.76
N TYR A 172 -7.38 14.73 -3.88
CA TYR A 172 -7.83 15.16 -5.22
C TYR A 172 -8.23 13.93 -6.02
N ASN A 173 -9.46 13.91 -6.43
CA ASN A 173 -9.93 12.80 -7.22
C ASN A 173 -10.01 13.16 -8.72
N SER A 174 -9.09 12.72 -9.57
CA SER A 174 -9.19 13.20 -10.98
C SER A 174 -10.48 12.76 -11.71
N ALA A 175 -11.08 11.64 -11.30
CA ALA A 175 -12.38 11.23 -11.89
C ALA A 175 -13.54 12.23 -11.68
N VAL A 176 -13.63 12.80 -10.48
CA VAL A 176 -14.73 13.74 -10.18
C VAL A 176 -14.16 15.17 -10.24
N LYS A 177 -12.83 15.32 -10.33
CA LYS A 177 -12.18 16.65 -10.21
C LYS A 177 -12.37 17.37 -8.86
N LEU A 178 -12.76 16.65 -7.82
CA LEU A 178 -13.02 17.23 -6.50
C LEU A 178 -11.74 17.32 -5.63
N LEU A 179 -11.39 18.51 -5.22
CA LEU A 179 -10.36 18.69 -4.26
C LEU A 179 -11.07 18.81 -2.90
N VAL A 180 -10.60 18.10 -1.88
CA VAL A 180 -11.15 18.15 -0.54
C VAL A 180 -10.03 18.38 0.47
N ALA A 181 -10.31 19.28 1.41
CA ALA A 181 -9.34 19.48 2.44
C ALA A 181 -10.03 19.39 3.78
N SER A 182 -9.39 18.71 4.73
CA SER A 182 -9.99 18.70 6.06
C SER A 182 -8.93 18.94 7.11
N LEU A 183 -9.30 19.53 8.23
CA LEU A 183 -8.39 19.72 9.36
C LEU A 183 -9.13 19.31 10.65
N VAL A 184 -8.46 18.56 11.54
CA VAL A 184 -8.98 18.09 12.80
C VAL A 184 -7.96 18.38 13.91
N TYR A 185 -8.41 18.82 15.08
CA TYR A 185 -7.57 18.99 16.31
C TYR A 185 -7.84 17.83 17.30
N PRO A 186 -6.93 16.86 17.45
CA PRO A 186 -7.32 15.79 18.43
C PRO A 186 -7.46 16.36 19.82
N SER A 187 -6.69 17.40 20.15
CA SER A 187 -6.76 18.00 21.48
C SER A 187 -8.17 18.47 21.78
N SER A 188 -8.72 19.27 20.88
CA SER A 188 -10.00 19.96 21.05
C SER A 188 -11.18 19.20 20.48
N LYS A 189 -10.88 18.17 19.68
CA LYS A 189 -11.93 17.43 18.96
C LYS A 189 -12.72 18.28 17.93
N THR A 190 -12.17 19.40 17.46
CA THR A 190 -12.86 20.21 16.46
C THR A 190 -12.46 19.73 15.09
N SER A 191 -13.20 20.07 14.04
CA SER A 191 -12.89 19.54 12.70
C SER A 191 -13.56 20.38 11.60
N PHE A 192 -12.90 20.51 10.46
CA PHE A 192 -13.27 21.50 9.47
C PHE A 192 -13.10 20.84 8.08
N ILE A 193 -13.89 21.23 7.09
CA ILE A 193 -13.73 20.55 5.84
C ILE A 193 -14.15 21.50 4.75
N LEU A 194 -13.50 21.41 3.59
CA LEU A 194 -13.90 22.21 2.40
C LEU A 194 -13.82 21.33 1.14
N ALA A 195 -14.75 21.42 0.19
CA ALA A 195 -14.71 20.62 -1.05
C ALA A 195 -15.02 21.52 -2.27
N ASP A 196 -14.36 21.31 -3.41
CA ASP A 196 -14.68 22.13 -4.63
C ASP A 196 -14.06 21.45 -5.84
N ILE A 197 -14.76 21.51 -6.98
CA ILE A 197 -14.18 21.16 -8.29
C ILE A 197 -13.08 22.12 -8.71
N VAL A 198 -11.96 21.55 -9.17
CA VAL A 198 -10.79 22.30 -9.65
C VAL A 198 -10.21 21.47 -10.79
N ASP A 199 -9.97 22.13 -11.92
CA ASP A 199 -9.44 21.45 -13.08
C ASP A 199 -7.93 21.64 -13.16
N LEU A 200 -7.19 20.72 -12.53
CA LEU A 200 -5.73 20.81 -12.56
C LEU A 200 -5.11 20.98 -13.96
N SER A 201 -5.69 20.31 -14.97
CA SER A 201 -5.10 20.27 -16.33
C SER A 201 -5.07 21.63 -16.98
N SER A 202 -5.96 22.52 -16.59
CA SER A 202 -5.90 23.82 -17.24
C SER A 202 -5.07 24.79 -16.38
N VAL A 203 -4.73 24.38 -15.16
CA VAL A 203 -4.24 25.38 -14.24
C VAL A 203 -2.84 25.07 -13.69
N LEU A 204 -2.33 23.85 -13.93
CA LEU A 204 -0.94 23.39 -13.61
C LEU A 204 -0.18 22.85 -14.84
N PRO A 205 1.16 22.84 -14.80
CA PRO A 205 1.88 22.15 -15.89
C PRO A 205 1.85 20.64 -15.69
N GLU A 206 2.34 19.89 -16.66
CA GLU A 206 2.32 18.44 -16.53
C GLU A 206 3.14 17.94 -15.33
N TRP A 207 4.22 18.68 -15.04
CA TRP A 207 5.18 18.32 -14.01
C TRP A 207 5.19 19.44 -12.97
N VAL A 208 4.98 19.07 -11.69
CA VAL A 208 4.91 20.01 -10.56
C VAL A 208 5.89 19.61 -9.46
N ARG A 209 6.29 20.56 -8.60
CA ARG A 209 6.83 20.22 -7.27
C ARG A 209 5.84 20.73 -6.23
N VAL A 210 5.69 19.94 -5.18
CA VAL A 210 4.64 20.12 -4.18
C VAL A 210 5.31 20.42 -2.87
N GLY A 211 4.69 21.15 -1.95
CA GLY A 211 5.30 21.32 -0.63
C GLY A 211 4.51 22.37 0.15
N PHE A 212 5.16 23.05 1.07
CA PHE A 212 4.55 24.04 1.94
C PHE A 212 5.15 25.47 1.81
N SER A 213 4.35 26.47 2.11
CA SER A 213 4.84 27.87 2.12
C SER A 213 4.18 28.59 3.29
N ALA A 214 4.87 29.53 3.95
CA ALA A 214 4.29 30.19 5.15
C ALA A 214 4.86 31.54 5.34
N ALA A 215 4.10 32.43 5.94
CA ALA A 215 4.61 33.81 6.07
C ALA A 215 4.17 34.24 7.43
N THR A 216 5.02 35.02 8.10
CA THR A 216 4.52 35.78 9.27
C THR A 216 4.29 37.23 8.86
N GLY A 217 3.56 37.94 9.71
CA GLY A 217 3.12 39.31 9.40
C GLY A 217 4.21 40.34 9.17
N ALA A 218 4.01 41.18 8.17
CA ALA A 218 4.86 42.36 7.95
C ALA A 218 4.78 43.46 9.05
N SER A 219 3.88 43.36 10.01
CA SER A 219 3.92 44.32 11.16
C SER A 219 4.45 43.69 12.45
N GLY A 220 5.36 44.40 13.09
CA GLY A 220 5.91 43.98 14.38
C GLY A 220 4.72 43.56 15.22
N GLY A 221 4.80 42.40 15.86
CA GLY A 221 3.70 41.95 16.73
C GLY A 221 2.72 40.98 16.07
N LYS A 222 2.66 40.94 14.73
CA LYS A 222 1.70 40.04 14.06
C LYS A 222 2.46 38.75 13.69
N ILE A 223 2.63 37.89 14.69
CA ILE A 223 3.59 36.78 14.62
C ILE A 223 2.91 35.48 15.02
N GLU A 224 3.42 34.38 14.48
CA GLU A 224 2.98 33.08 14.91
C GLU A 224 3.97 32.11 14.29
N THR A 225 3.95 30.87 14.75
CA THR A 225 4.87 29.89 14.18
C THR A 225 4.13 29.07 13.13
N HIS A 226 4.87 28.38 12.27
CA HIS A 226 4.28 27.56 11.22
C HIS A 226 5.15 26.29 11.13
N ASP A 227 4.90 25.36 12.03
CA ASP A 227 5.77 24.24 12.35
C ASP A 227 5.13 23.01 11.73
N VAL A 228 5.80 22.30 10.82
CA VAL A 228 5.22 21.11 10.25
C VAL A 228 5.96 19.96 10.92
N PHE A 229 5.19 19.01 11.51
CA PHE A 229 5.75 17.86 12.24
C PHE A 229 5.93 16.64 11.40
N SER A 230 5.05 16.43 10.40
CA SER A 230 5.17 15.26 9.54
C SER A 230 4.35 15.48 8.28
N TRP A 231 4.59 14.67 7.24
CA TRP A 231 4.02 14.92 5.91
C TRP A 231 4.13 13.64 5.16
N SER A 232 3.01 13.18 4.64
CA SER A 232 3.06 12.14 3.61
C SER A 232 2.31 12.58 2.33
N PHE A 233 2.66 11.98 1.18
CA PHE A 233 2.11 12.31 -0.16
C PHE A 233 2.11 11.06 -1.02
N ALA A 234 1.10 10.94 -1.90
CA ALA A 234 1.00 9.82 -2.89
C ALA A 234 0.19 10.32 -4.09
N SER A 235 0.68 10.00 -5.31
CA SER A 235 0.17 10.51 -6.58
C SER A 235 0.00 9.32 -7.44
N LYS A 236 -0.98 9.41 -8.31
CA LYS A 236 -1.29 8.27 -9.12
C LYS A 236 -1.86 8.77 -10.43
N LEU A 237 -1.06 8.64 -11.47
CA LEU A 237 -1.37 9.12 -12.77
C LEU A 237 -1.55 7.92 -13.68
N ALA A 238 -2.81 7.56 -13.98
CA ALA A 238 -3.10 6.34 -14.73
C ALA A 238 -2.94 6.54 -16.23
N GLY A 239 -2.37 5.54 -16.90
CA GLY A 239 -2.18 5.56 -18.36
C GLY A 239 -3.48 5.32 -19.13
N THR A 242 -5.05 6.64 -6.10
CA THR A 242 -4.47 5.96 -4.93
C THR A 242 -5.55 5.11 -4.23
N LYS A 243 -5.14 4.26 -3.30
CA LYS A 243 -6.06 3.61 -2.35
C LYS A 243 -5.96 4.43 -1.04
N ASP A 244 -7.03 5.17 -0.77
CA ASP A 244 -6.94 6.22 0.20
C ASP A 244 -7.14 5.66 1.58
N SER A 245 -8.06 4.69 1.75
CA SER A 245 -8.24 4.11 3.07
C SER A 245 -6.93 3.43 3.46
N SER A 246 -6.32 2.69 2.55
CA SER A 246 -5.01 2.12 2.80
C SER A 246 -3.88 3.17 2.94
N PHE A 247 -4.08 4.37 2.37
CA PHE A 247 -3.03 5.43 2.44
C PHE A 247 -2.89 6.14 3.84
N LEU A 248 -3.85 6.96 4.27
CA LEU A 248 -3.77 7.47 5.67
C LEU A 248 -3.37 6.43 6.71
N ASP A 249 -3.99 5.24 6.62
CA ASP A 249 -3.69 4.07 7.47
C ASP A 249 -2.24 3.62 7.34
N GLY A 250 -1.74 3.54 6.11
CA GLY A 250 -0.38 3.07 5.86
C GLY A 250 0.65 4.09 6.32
N GLY A 251 0.24 5.35 6.42
CA GLY A 251 1.12 6.43 6.85
C GLY A 251 1.10 7.62 5.93
N ALA B 1 2.55 -6.14 12.93
CA ALA B 1 1.09 -5.83 12.93
C ALA B 1 0.20 -6.99 12.42
N GLU B 2 -1.00 -7.09 12.96
CA GLU B 2 -2.06 -7.92 12.47
C GLU B 2 -2.93 -7.00 11.64
N GLU B 3 -3.14 -7.34 10.37
CA GLU B 3 -3.88 -6.48 9.49
C GLU B 3 -4.87 -7.23 8.65
N THR B 4 -5.96 -6.50 8.33
CA THR B 4 -7.02 -6.96 7.45
C THR B 4 -7.47 -5.85 6.54
N SER B 5 -7.64 -6.13 5.23
CA SER B 5 -8.20 -5.17 4.35
C SER B 5 -8.93 -5.83 3.17
N PHE B 6 -9.81 -5.03 2.56
CA PHE B 6 -10.55 -5.46 1.39
C PHE B 6 -11.03 -4.26 0.63
N VAL B 7 -11.35 -4.48 -0.65
CA VAL B 7 -12.01 -3.47 -1.46
C VAL B 7 -13.10 -4.17 -2.32
N PHE B 8 -14.26 -3.58 -2.35
CA PHE B 8 -15.33 -3.98 -3.24
C PHE B 8 -15.49 -2.71 -4.08
N SER B 9 -14.92 -2.65 -5.26
CA SER B 9 -15.18 -1.49 -6.11
C SER B 9 -16.60 -1.55 -6.71
N LYS B 10 -17.17 -2.76 -6.62
CA LYS B 10 -18.60 -3.05 -6.85
C LYS B 10 -18.97 -4.26 -6.06
N PHE B 11 -20.24 -4.62 -6.01
CA PHE B 11 -20.67 -5.86 -5.38
C PHE B 11 -21.14 -6.81 -6.47
N LYS B 12 -21.24 -8.11 -6.17
CA LYS B 12 -21.70 -9.09 -7.14
C LYS B 12 -22.81 -9.93 -6.53
N PRO B 13 -23.80 -10.29 -7.35
CA PRO B 13 -24.91 -11.08 -6.78
C PRO B 13 -24.46 -12.35 -6.01
N LEU B 14 -23.38 -13.02 -6.46
CA LEU B 14 -22.69 -13.99 -5.62
C LEU B 14 -21.51 -13.30 -4.90
N GLU B 15 -21.61 -13.14 -3.59
CA GLU B 15 -20.55 -12.44 -2.88
C GLU B 15 -20.33 -13.12 -1.54
N PRO B 16 -19.64 -14.26 -1.55
CA PRO B 16 -19.56 -15.05 -0.33
C PRO B 16 -18.71 -14.47 0.80
N ASN B 17 -17.90 -13.43 0.56
CA ASN B 17 -17.18 -12.73 1.66
C ASN B 17 -17.99 -11.60 2.30
N LEU B 18 -19.26 -11.53 1.93
CA LEU B 18 -20.17 -10.56 2.50
C LEU B 18 -21.38 -11.35 3.05
N ILE B 19 -21.63 -11.19 4.34
CA ILE B 19 -22.76 -11.80 5.02
C ILE B 19 -23.96 -10.88 5.02
N LEU B 20 -25.03 -11.25 4.31
CA LEU B 20 -26.19 -10.36 4.11
C LEU B 20 -27.27 -10.77 5.10
N GLN B 21 -27.87 -9.78 5.79
CA GLN B 21 -28.81 -9.98 6.87
C GLN B 21 -30.05 -9.13 6.64
N GLY B 22 -31.20 -9.63 7.06
CA GLY B 22 -32.44 -8.94 6.78
C GLY B 22 -32.74 -8.85 5.28
N ASP B 23 -33.03 -7.64 4.79
CA ASP B 23 -33.53 -7.45 3.38
C ASP B 23 -32.47 -7.09 2.37
N ALA B 24 -31.24 -6.96 2.84
CA ALA B 24 -30.04 -6.62 2.02
C ALA B 24 -29.75 -7.61 0.90
N LEU B 25 -29.51 -7.05 -0.26
CA LEU B 25 -29.19 -7.82 -1.41
C LEU B 25 -28.35 -7.00 -2.35
N VAL B 26 -27.67 -7.67 -3.24
CA VAL B 26 -26.88 -7.06 -4.29
C VAL B 26 -27.65 -7.24 -5.63
N THR B 27 -27.88 -6.12 -6.34
CA THR B 27 -28.52 -6.17 -7.63
C THR B 27 -27.59 -6.68 -8.73
N VAL B 28 -28.21 -7.02 -9.87
CA VAL B 28 -27.46 -7.47 -11.02
C VAL B 28 -26.47 -6.38 -11.44
N ALA B 29 -26.78 -5.09 -11.18
CA ALA B 29 -25.97 -3.91 -11.57
C ALA B 29 -24.76 -3.69 -10.63
N GLY B 30 -24.64 -4.49 -9.57
CA GLY B 30 -23.51 -4.34 -8.62
C GLY B 30 -23.73 -3.46 -7.42
N VAL B 31 -24.99 -3.05 -7.17
CA VAL B 31 -25.29 -2.20 -6.04
C VAL B 31 -25.84 -3.03 -4.86
N LEU B 32 -25.35 -2.72 -3.66
CA LEU B 32 -25.77 -3.34 -2.42
C LEU B 32 -26.99 -2.50 -1.94
N GLN B 33 -28.22 -3.02 -2.14
CA GLN B 33 -29.45 -2.39 -1.68
C GLN B 33 -29.63 -2.88 -0.26
N LEU B 34 -29.37 -2.03 0.72
CA LEU B 34 -29.53 -2.46 2.11
C LEU B 34 -30.97 -2.69 2.51
N THR B 35 -31.85 -1.78 2.11
CA THR B 35 -33.29 -1.87 2.39
C THR B 35 -34.05 -2.08 1.06
N ASN B 36 -35.28 -2.63 1.14
CA ASN B 36 -36.08 -2.95 -0.06
C ASN B 36 -36.30 -1.85 -1.04
N VAL B 37 -36.06 -2.15 -2.29
CA VAL B 37 -36.40 -1.21 -3.35
C VAL B 37 -37.17 -2.04 -4.36
N ASP B 38 -38.28 -1.52 -4.89
CA ASP B 38 -38.94 -2.30 -5.93
C ASP B 38 -38.31 -2.17 -7.32
N SER B 39 -38.98 -2.78 -8.29
CA SER B 39 -38.46 -2.78 -9.64
C SER B 39 -38.34 -1.39 -10.35
N ASN B 40 -39.12 -0.42 -9.93
CA ASN B 40 -39.09 0.88 -10.51
C ASN B 40 -38.12 1.83 -9.80
N GLY B 41 -37.47 1.28 -8.76
CA GLY B 41 -36.61 2.04 -7.86
C GLY B 41 -37.28 2.63 -6.63
N VAL B 42 -38.52 2.25 -6.36
CA VAL B 42 -39.28 2.89 -5.25
C VAL B 42 -38.93 2.11 -4.00
N PRO B 43 -38.33 2.81 -3.00
CA PRO B 43 -38.05 2.19 -1.69
C PRO B 43 -39.34 1.83 -0.99
N GLU B 44 -39.26 0.87 -0.08
CA GLU B 44 -40.44 0.29 0.62
C GLU B 44 -40.28 0.56 2.12
N PRO B 45 -41.38 0.67 2.86
CA PRO B 45 -41.29 0.96 4.29
C PRO B 45 -41.10 -0.35 5.09
N SER B 46 -40.99 -0.28 6.43
CA SER B 46 -40.79 -1.46 7.30
C SER B 46 -39.59 -2.33 6.90
N SER B 47 -38.54 -1.70 6.35
CA SER B 47 -37.38 -2.43 5.87
C SER B 47 -36.11 -2.34 6.74
N LEU B 48 -35.46 -3.49 6.95
CA LEU B 48 -34.20 -3.58 7.72
C LEU B 48 -33.21 -4.50 7.01
N GLY B 49 -32.03 -3.99 6.70
CA GLY B 49 -30.98 -4.87 6.18
C GLY B 49 -29.55 -4.53 6.59
N ARG B 50 -28.71 -5.55 6.64
CA ARG B 50 -27.33 -5.43 7.06
C ARG B 50 -26.44 -6.24 6.11
N ALA B 51 -25.22 -5.74 5.94
CA ALA B 51 -24.18 -6.45 5.22
C ALA B 51 -22.92 -6.35 6.08
N THR B 52 -22.24 -7.44 6.34
CA THR B 52 -20.95 -7.35 7.02
C THR B 52 -19.88 -8.23 6.32
N TYR B 53 -18.67 -7.74 6.28
CA TYR B 53 -17.57 -8.54 5.79
C TYR B 53 -17.44 -9.88 6.52
N SER B 54 -17.15 -10.95 5.81
CA SER B 54 -17.29 -12.27 6.44
C SER B 54 -16.22 -12.64 7.51
N ALA B 55 -15.01 -12.13 7.34
CA ALA B 55 -13.94 -12.36 8.30
C ALA B 55 -13.93 -11.38 9.51
N PRO B 56 -13.72 -11.92 10.70
CA PRO B 56 -13.58 -11.11 11.90
C PRO B 56 -12.31 -10.27 11.80
N ILE B 57 -12.34 -9.07 12.38
CA ILE B 57 -11.25 -8.09 12.40
C ILE B 57 -10.76 -8.06 13.83
N ASN B 58 -9.46 -8.22 14.04
CA ASN B 58 -8.88 -8.06 15.39
C ASN B 58 -8.73 -6.57 15.70
N ILE B 59 -9.50 -6.04 16.66
CA ILE B 59 -9.60 -4.57 16.83
C ILE B 59 -8.77 -4.01 18.05
N TRP B 60 -8.48 -4.90 19.00
CA TRP B 60 -7.53 -4.63 20.07
C TRP B 60 -7.10 -5.96 20.71
N ASP B 61 -6.12 -5.92 21.61
CA ASP B 61 -5.41 -7.11 22.07
C ASP B 61 -5.16 -7.02 23.60
N SER B 62 -5.53 -8.08 24.28
CA SER B 62 -5.56 -8.19 25.73
C SER B 62 -4.13 -8.23 26.31
N ALA B 63 -3.27 -9.02 25.69
CA ALA B 63 -1.89 -9.22 26.19
C ALA B 63 -1.10 -7.93 26.05
N THR B 64 -1.15 -7.32 24.87
CA THR B 64 -0.40 -6.11 24.68
C THR B 64 -1.14 -4.85 25.20
N GLY B 65 -2.47 -4.88 25.22
CA GLY B 65 -3.25 -3.65 25.52
C GLY B 65 -3.44 -2.72 24.31
N LEU B 66 -2.88 -3.05 23.15
CA LEU B 66 -2.95 -2.14 21.97
C LEU B 66 -4.28 -2.24 21.22
N VAL B 67 -4.66 -1.13 20.60
CA VAL B 67 -5.91 -1.02 19.85
C VAL B 67 -5.53 -0.74 18.37
N ALA B 68 -6.34 -1.23 17.40
CA ALA B 68 -6.08 -1.02 15.95
C ALA B 68 -6.43 0.41 15.58
N SER B 69 -5.69 0.95 14.64
CA SER B 69 -6.14 2.04 13.85
C SER B 69 -6.91 1.38 12.70
N PHE B 70 -7.91 2.07 12.16
CA PHE B 70 -8.54 1.61 10.91
C PHE B 70 -9.00 2.79 10.01
N ALA B 71 -9.34 2.49 8.74
CA ALA B 71 -9.85 3.50 7.86
C ALA B 71 -10.80 2.76 6.92
N THR B 72 -11.90 3.41 6.55
CA THR B 72 -12.85 2.79 5.66
C THR B 72 -13.46 3.82 4.79
N SER B 73 -13.56 3.51 3.52
CA SER B 73 -14.20 4.44 2.56
C SER B 73 -15.40 3.77 1.93
N PHE B 74 -16.43 4.55 1.64
CA PHE B 74 -17.56 4.00 0.89
C PHE B 74 -18.32 5.11 0.15
N ARG B 75 -19.07 4.67 -0.86
CA ARG B 75 -19.83 5.54 -1.74
C ARG B 75 -21.29 5.06 -1.67
N PHE B 76 -22.23 5.97 -1.36
CA PHE B 76 -23.60 5.56 -1.13
C PHE B 76 -24.61 6.59 -1.63
N THR B 77 -25.76 6.10 -2.07
CA THR B 77 -26.88 6.96 -2.42
C THR B 77 -28.10 6.67 -1.60
N ILE B 78 -28.79 7.75 -1.18
CA ILE B 78 -30.10 7.74 -0.59
C ILE B 78 -31.06 8.51 -1.50
N TYR B 79 -31.95 7.79 -2.14
CA TYR B 79 -32.93 8.47 -2.99
C TYR B 79 -34.27 8.45 -2.27
N ALA B 80 -34.93 9.60 -2.13
CA ALA B 80 -36.30 9.68 -1.55
C ALA B 80 -37.32 10.23 -2.61
N PRO B 81 -38.41 9.48 -2.85
CA PRO B 81 -39.49 9.90 -3.78
C PRO B 81 -40.16 11.19 -3.33
N ASN B 82 -40.19 11.38 -2.01
CA ASN B 82 -40.74 12.60 -1.41
C ASN B 82 -39.82 13.07 -0.25
N ILE B 83 -39.01 14.07 -0.51
CA ILE B 83 -37.99 14.42 0.47
C ILE B 83 -38.59 15.09 1.73
N ALA B 84 -39.92 15.27 1.72
CA ALA B 84 -40.61 15.76 2.90
C ALA B 84 -40.87 14.66 3.95
N THR B 85 -41.01 13.40 3.51
CA THR B 85 -41.23 12.30 4.42
C THR B 85 -40.13 11.23 4.27
N ILE B 86 -39.06 11.31 5.09
CA ILE B 86 -37.92 10.37 4.97
C ILE B 86 -37.52 9.70 6.30
N ALA B 87 -36.92 8.50 6.20
CA ALA B 87 -36.55 7.72 7.36
C ALA B 87 -35.97 6.44 6.83
N ASP B 88 -35.18 5.71 7.63
CA ASP B 88 -34.69 6.12 8.97
C ASP B 88 -33.19 6.41 8.96
N GLY B 89 -32.46 5.72 8.07
CA GLY B 89 -31.09 6.11 7.73
C GLY B 89 -30.19 4.88 7.63
N LEU B 90 -28.88 5.10 7.54
CA LEU B 90 -27.92 4.04 7.47
C LEU B 90 -26.76 4.25 8.42
N ALA B 91 -25.97 3.21 8.68
CA ALA B 91 -24.78 3.34 9.56
C ALA B 91 -23.71 2.36 9.17
N PHE B 92 -22.45 2.78 9.33
CA PHE B 92 -21.34 1.90 9.33
C PHE B 92 -21.05 1.50 10.80
N PHE B 93 -20.83 0.21 11.09
CA PHE B 93 -20.68 -0.24 12.46
C PHE B 93 -19.66 -1.36 12.65
N LEU B 94 -19.14 -1.38 13.88
CA LEU B 94 -18.36 -2.46 14.45
C LEU B 94 -19.20 -3.05 15.61
N ALA B 95 -19.24 -4.37 15.71
CA ALA B 95 -20.02 -5.11 16.70
C ALA B 95 -19.41 -6.52 16.86
N PRO B 96 -19.88 -7.33 17.85
CA PRO B 96 -19.28 -8.69 18.03
C PRO B 96 -19.43 -9.56 16.81
N VAL B 97 -18.54 -10.54 16.69
CA VAL B 97 -18.52 -11.42 15.54
C VAL B 97 -19.89 -12.01 15.25
N ALA B 98 -20.65 -12.38 16.28
CA ALA B 98 -21.94 -13.05 16.02
C ALA B 98 -23.19 -12.13 15.97
N SER B 99 -23.00 -10.85 15.69
CA SER B 99 -24.09 -9.88 15.86
C SER B 99 -25.17 -10.11 14.83
N ALA B 100 -26.40 -9.88 15.27
CA ALA B 100 -27.57 -10.06 14.42
C ALA B 100 -28.32 -8.74 14.38
N PRO B 101 -29.20 -8.55 13.39
CA PRO B 101 -29.98 -7.33 13.36
C PRO B 101 -30.80 -7.11 14.66
N ASP B 102 -30.72 -5.89 15.22
CA ASP B 102 -31.64 -5.48 16.32
C ASP B 102 -32.92 -4.81 15.81
N SER B 103 -33.56 -3.98 16.64
CA SER B 103 -34.76 -3.23 16.28
C SER B 103 -34.52 -2.35 15.08
N GLY B 104 -35.54 -2.21 14.23
CA GLY B 104 -35.40 -1.51 12.96
C GLY B 104 -35.82 -0.06 13.10
N GLY B 105 -36.41 0.52 12.06
CA GLY B 105 -36.75 1.96 12.13
C GLY B 105 -35.61 2.79 12.72
N GLY B 106 -35.93 3.71 13.63
CA GLY B 106 -34.95 4.52 14.33
C GLY B 106 -33.72 3.87 14.97
N PHE B 107 -33.78 2.57 15.25
CA PHE B 107 -32.73 1.83 15.97
C PHE B 107 -31.64 1.37 15.03
N LEU B 108 -31.86 1.61 13.71
CA LEU B 108 -30.89 1.40 12.63
C LEU B 108 -30.35 -0.03 12.59
N GLY B 109 -31.15 -0.95 13.14
CA GLY B 109 -30.78 -2.36 13.29
C GLY B 109 -29.67 -2.68 14.31
N LEU B 110 -29.38 -1.76 15.23
CA LEU B 110 -28.14 -1.84 16.00
C LEU B 110 -28.32 -1.78 17.47
N PHE B 111 -29.46 -1.23 17.92
CA PHE B 111 -29.81 -1.07 19.33
C PHE B 111 -31.27 -1.42 19.54
N ASP B 112 -31.63 -1.70 20.78
CA ASP B 112 -32.96 -2.23 21.12
C ASP B 112 -33.84 -1.18 21.74
N SER B 113 -33.25 -0.09 22.21
CA SER B 113 -34.03 0.93 22.96
C SER B 113 -33.20 2.21 23.08
N ALA B 114 -33.71 3.14 23.89
CA ALA B 114 -33.12 4.46 24.05
C ALA B 114 -31.87 4.37 24.93
N VAL B 115 -31.89 3.37 25.78
CA VAL B 115 -30.97 3.26 26.89
C VAL B 115 -29.56 2.87 26.43
N GLY B 116 -28.56 3.44 27.10
CA GLY B 116 -27.17 3.06 26.95
C GLY B 116 -26.98 1.68 27.56
N ASP B 117 -26.25 0.80 26.86
CA ASP B 117 -26.04 -0.60 27.33
C ASP B 117 -24.67 -1.10 26.86
N THR B 118 -23.75 -1.30 27.82
CA THR B 118 -22.41 -1.80 27.53
C THR B 118 -22.37 -3.16 26.78
N THR B 119 -23.45 -3.94 26.94
CA THR B 119 -23.56 -5.28 26.37
C THR B 119 -23.75 -5.26 24.84
N TYR B 120 -24.37 -4.22 24.26
CA TYR B 120 -24.40 -4.09 22.77
C TYR B 120 -23.00 -4.26 22.12
N GLN B 121 -21.97 -3.81 22.83
CA GLN B 121 -20.59 -3.76 22.32
C GLN B 121 -20.52 -3.26 20.87
N THR B 122 -21.19 -2.14 20.64
CA THR B 122 -21.40 -1.64 19.25
C THR B 122 -20.99 -0.19 19.09
N VAL B 123 -20.05 0.07 18.19
CA VAL B 123 -19.73 1.44 17.85
C VAL B 123 -20.21 1.72 16.41
N ALA B 124 -20.96 2.79 16.21
CA ALA B 124 -21.49 3.08 14.85
C ALA B 124 -21.46 4.55 14.45
N VAL B 125 -21.16 4.82 13.17
CA VAL B 125 -21.27 6.14 12.64
C VAL B 125 -22.58 6.15 11.80
N GLU B 126 -23.54 7.00 12.19
CA GLU B 126 -24.87 6.94 11.59
C GLU B 126 -25.09 8.07 10.65
N PHE B 127 -25.91 7.79 9.64
CA PHE B 127 -26.35 8.80 8.67
C PHE B 127 -27.85 8.81 8.79
N ASP B 128 -28.31 9.73 9.64
CA ASP B 128 -29.65 9.68 10.25
C ASP B 128 -30.63 10.68 9.62
N THR B 129 -31.65 10.13 8.96
CA THR B 129 -32.59 10.97 8.22
C THR B 129 -33.93 11.23 8.87
N TYR B 130 -34.06 11.00 10.19
CA TYR B 130 -35.41 11.16 10.81
C TYR B 130 -35.33 11.47 12.32
N GLU B 131 -35.98 12.54 12.81
CA GLU B 131 -35.73 12.94 14.18
C GLU B 131 -36.56 12.12 15.19
N ASN B 132 -35.87 11.29 15.98
CA ASN B 132 -36.50 10.59 17.10
C ASN B 132 -36.22 11.41 18.35
N THR B 133 -37.20 12.18 18.80
CA THR B 133 -36.92 13.06 19.96
C THR B 133 -36.67 12.20 21.20
N VAL B 134 -37.33 11.04 21.23
CA VAL B 134 -37.11 9.91 22.16
C VAL B 134 -35.58 9.54 22.27
N PHE B 135 -34.78 9.85 21.23
CA PHE B 135 -33.35 9.50 21.21
C PHE B 135 -32.43 10.74 21.31
N THR B 136 -32.98 11.89 21.71
CA THR B 136 -32.25 13.18 21.70
C THR B 136 -31.67 13.53 20.30
N ASP B 137 -32.35 13.06 19.22
CA ASP B 137 -31.95 13.43 17.83
C ASP B 137 -32.08 14.94 17.70
N PRO B 138 -31.10 15.61 17.11
CA PRO B 138 -31.10 16.98 16.68
C PRO B 138 -32.17 17.29 15.61
N PRO B 139 -32.58 18.58 15.50
CA PRO B 139 -33.66 18.96 14.59
C PRO B 139 -33.36 18.92 13.12
N TYR B 140 -32.26 18.30 12.74
CA TYR B 140 -31.87 18.26 11.36
C TYR B 140 -31.32 16.87 11.09
N THR B 141 -31.34 16.44 9.82
CA THR B 141 -30.67 15.19 9.39
C THR B 141 -29.19 15.36 9.76
N HIS B 142 -28.50 14.31 10.19
CA HIS B 142 -27.20 14.49 10.89
C HIS B 142 -26.33 13.26 10.80
N ILE B 143 -25.03 13.47 11.07
CA ILE B 143 -24.06 12.41 11.26
C ILE B 143 -23.93 12.26 12.77
N GLY B 144 -23.86 11.03 13.28
CA GLY B 144 -23.58 10.87 14.72
C GLY B 144 -22.67 9.71 15.00
N PHE B 145 -22.01 9.73 16.17
CA PHE B 145 -21.18 8.64 16.66
C PHE B 145 -22.05 7.96 17.73
N ASP B 146 -22.33 6.68 17.56
CA ASP B 146 -23.18 5.93 18.46
C ASP B 146 -22.31 4.92 19.22
N VAL B 147 -22.15 5.11 20.53
CA VAL B 147 -21.25 4.24 21.27
C VAL B 147 -22.13 3.49 22.30
N ASN B 148 -22.51 2.25 22.01
CA ASN B 148 -23.44 1.46 22.87
C ASN B 148 -24.86 2.05 23.13
N SER B 149 -25.23 3.04 22.34
CA SER B 149 -26.46 3.77 22.48
C SER B 149 -26.79 4.40 21.11
N ILE B 150 -28.09 4.38 20.80
CA ILE B 150 -28.66 5.11 19.64
C ILE B 150 -28.75 6.61 19.91
N SER B 151 -28.63 6.97 21.19
CA SER B 151 -28.46 8.36 21.56
C SER B 151 -27.02 8.77 21.31
N SER B 152 -26.77 9.36 20.15
CA SER B 152 -25.38 9.67 19.76
C SER B 152 -24.63 10.39 20.86
N ILE B 153 -23.38 10.03 21.06
CA ILE B 153 -22.51 10.77 22.00
C ILE B 153 -22.10 12.14 21.35
N LYS B 154 -22.07 12.24 20.02
CA LYS B 154 -21.84 13.57 19.38
C LYS B 154 -22.53 13.60 18.03
N THR B 155 -22.94 14.76 17.51
CA THR B 155 -23.52 14.78 16.16
C THR B 155 -23.03 16.02 15.39
N VAL B 156 -23.28 16.05 14.09
CA VAL B 156 -23.18 17.31 13.34
C VAL B 156 -24.21 17.30 12.21
N LYS B 157 -24.57 18.48 11.70
CA LYS B 157 -25.48 18.56 10.61
C LYS B 157 -24.92 17.93 9.30
N TRP B 158 -25.80 17.21 8.61
CA TRP B 158 -25.54 16.68 7.29
C TRP B 158 -26.77 16.99 6.47
N SER B 159 -26.57 17.79 5.42
CA SER B 159 -27.62 18.16 4.51
C SER B 159 -27.65 17.11 3.33
N LEU B 160 -28.61 16.20 3.38
CA LEU B 160 -28.82 15.17 2.32
C LEU B 160 -29.03 15.75 0.90
N ALA B 161 -28.28 15.25 -0.08
CA ALA B 161 -28.48 15.66 -1.47
C ALA B 161 -29.22 14.51 -2.14
N ASN B 162 -30.53 14.70 -2.30
CA ASN B 162 -31.46 13.62 -2.71
C ASN B 162 -30.98 12.92 -3.96
N GLY B 163 -30.72 11.60 -3.87
CA GLY B 163 -30.47 10.77 -5.07
C GLY B 163 -29.07 10.92 -5.64
N GLU B 164 -28.21 11.68 -4.92
CA GLU B 164 -26.80 11.90 -5.33
C GLU B 164 -25.82 11.06 -4.53
N ALA B 165 -24.74 10.58 -5.16
CA ALA B 165 -23.81 9.67 -4.44
C ALA B 165 -22.94 10.42 -3.45
N ALA B 166 -22.86 9.91 -2.22
CA ALA B 166 -22.06 10.57 -1.17
C ALA B 166 -20.81 9.75 -0.92
N LYS B 167 -19.69 10.41 -0.80
CA LYS B 167 -18.46 9.71 -0.56
C LYS B 167 -18.06 9.94 0.91
N VAL B 168 -17.91 8.86 1.67
CA VAL B 168 -17.61 8.91 3.10
C VAL B 168 -16.20 8.35 3.42
N LEU B 169 -15.47 8.99 4.31
CA LEU B 169 -14.25 8.42 4.82
C LEU B 169 -14.40 8.41 6.34
N ILE B 170 -14.11 7.28 6.97
CA ILE B 170 -14.15 7.17 8.42
C ILE B 170 -12.81 6.59 8.83
N THR B 171 -12.23 7.20 9.83
CA THR B 171 -10.89 6.85 10.28
C THR B 171 -10.89 6.83 11.75
N TYR B 172 -9.97 6.04 12.27
CA TYR B 172 -9.79 5.95 13.69
C TYR B 172 -8.31 5.81 14.01
N ASN B 173 -7.83 6.70 14.87
CA ASN B 173 -6.42 6.74 15.21
C ASN B 173 -6.16 6.27 16.64
N SER B 174 -5.48 5.13 16.71
CA SER B 174 -5.12 4.40 17.93
C SER B 174 -4.41 5.26 18.96
N ALA B 175 -3.47 6.05 18.47
CA ALA B 175 -2.56 6.90 19.23
C ALA B 175 -3.29 8.10 19.88
N VAL B 176 -4.19 8.74 19.12
CA VAL B 176 -5.04 9.83 19.62
C VAL B 176 -6.47 9.39 20.08
N LYS B 177 -6.92 8.16 19.71
CA LYS B 177 -8.24 7.64 20.08
C LYS B 177 -9.37 8.43 19.36
N LEU B 178 -9.02 9.15 18.31
CA LEU B 178 -9.94 10.04 17.59
C LEU B 178 -10.63 9.30 16.42
N LEU B 179 -11.94 9.29 16.45
CA LEU B 179 -12.78 8.84 15.37
C LEU B 179 -13.18 10.05 14.58
N VAL B 180 -13.08 9.99 13.26
CA VAL B 180 -13.39 11.11 12.37
C VAL B 180 -14.27 10.58 11.25
N ALA B 181 -15.37 11.27 10.99
CA ALA B 181 -16.23 10.85 9.90
C ALA B 181 -16.49 12.05 9.03
N SER B 182 -16.25 11.94 7.71
CA SER B 182 -16.48 13.01 6.70
C SER B 182 -17.33 12.47 5.53
N LEU B 183 -18.17 13.34 4.99
CA LEU B 183 -19.04 13.00 3.88
C LEU B 183 -18.93 14.16 2.87
N VAL B 184 -18.69 13.85 1.58
CA VAL B 184 -18.65 14.82 0.54
C VAL B 184 -19.66 14.39 -0.54
N TYR B 185 -20.34 15.35 -1.16
CA TYR B 185 -21.09 15.14 -2.42
C TYR B 185 -20.35 15.80 -3.59
N PRO B 186 -19.72 15.01 -4.48
CA PRO B 186 -19.03 15.63 -5.63
C PRO B 186 -19.96 16.45 -6.47
N SER B 187 -21.19 15.99 -6.69
CA SER B 187 -22.11 16.75 -7.54
C SER B 187 -22.39 18.15 -6.99
N SER B 188 -22.53 18.27 -5.67
CA SER B 188 -22.95 19.56 -5.09
C SER B 188 -21.78 20.32 -4.51
N LYS B 189 -20.67 19.61 -4.31
CA LYS B 189 -19.46 20.19 -3.71
C LYS B 189 -19.70 20.59 -2.22
N THR B 190 -20.63 19.94 -1.54
CA THR B 190 -20.87 20.21 -0.11
C THR B 190 -20.15 19.13 0.66
N SER B 191 -19.77 19.39 1.91
CA SER B 191 -18.89 18.48 2.68
C SER B 191 -19.16 18.69 4.18
N PHE B 192 -19.10 17.62 4.96
CA PHE B 192 -19.51 17.65 6.38
C PHE B 192 -18.49 16.79 7.10
N ILE B 193 -18.18 17.08 8.37
CA ILE B 193 -17.17 16.29 9.10
C ILE B 193 -17.56 16.27 10.60
N LEU B 194 -17.21 15.19 11.30
CA LEU B 194 -17.40 15.10 12.77
C LEU B 194 -16.18 14.40 13.35
N ALA B 195 -15.74 14.78 14.53
CA ALA B 195 -14.62 14.08 15.19
C ALA B 195 -14.83 14.04 16.71
N ASP B 196 -14.46 12.94 17.35
CA ASP B 196 -14.67 12.75 18.80
C ASP B 196 -13.73 11.62 19.25
N ILE B 197 -13.27 11.68 20.50
CA ILE B 197 -12.54 10.51 21.03
C ILE B 197 -13.49 9.45 21.51
N VAL B 198 -13.13 8.21 21.19
CA VAL B 198 -13.90 7.05 21.52
C VAL B 198 -12.89 5.97 21.91
N ASP B 199 -13.07 5.42 23.11
CA ASP B 199 -12.17 4.39 23.62
C ASP B 199 -12.65 2.99 23.20
N LEU B 200 -12.13 2.47 22.07
CA LEU B 200 -12.63 1.16 21.53
C LEU B 200 -12.43 -0.03 22.49
N SER B 201 -11.33 0.02 23.27
CA SER B 201 -10.90 -1.01 24.19
C SER B 201 -11.96 -1.26 25.25
N SER B 202 -12.60 -0.19 25.74
CA SER B 202 -13.62 -0.32 26.78
C SER B 202 -15.00 -0.67 26.23
N VAL B 203 -15.19 -0.55 24.92
CA VAL B 203 -16.53 -0.74 24.33
C VAL B 203 -16.68 -1.99 23.45
N LEU B 204 -15.77 -2.22 22.50
CA LEU B 204 -15.79 -3.40 21.61
C LEU B 204 -15.07 -4.65 22.19
N PRO B 205 -15.53 -5.86 21.81
CA PRO B 205 -14.65 -6.99 22.13
C PRO B 205 -13.34 -6.92 21.31
N GLU B 206 -12.37 -7.79 21.62
CA GLU B 206 -11.13 -7.86 20.83
C GLU B 206 -11.36 -8.13 19.33
N TRP B 207 -12.40 -8.90 19.01
CA TRP B 207 -12.66 -9.37 17.65
C TRP B 207 -14.03 -8.89 17.29
N VAL B 208 -14.12 -8.28 16.10
CA VAL B 208 -15.39 -7.73 15.63
C VAL B 208 -15.65 -8.09 14.15
N ARG B 209 -16.86 -7.83 13.68
CA ARG B 209 -17.17 -7.83 12.24
C ARG B 209 -17.67 -6.43 11.99
N VAL B 210 -17.43 -5.95 10.78
CA VAL B 210 -17.75 -4.60 10.41
C VAL B 210 -18.65 -4.59 9.18
N GLY B 211 -19.54 -3.62 9.04
CA GLY B 211 -20.33 -3.54 7.83
C GLY B 211 -21.32 -2.38 8.00
N PHE B 212 -22.46 -2.51 7.36
CA PHE B 212 -23.47 -1.49 7.24
C PHE B 212 -24.84 -1.97 7.74
N SER B 213 -25.69 -1.04 8.16
CA SER B 213 -27.08 -1.34 8.57
C SER B 213 -27.88 -0.11 8.22
N ALA B 214 -29.14 -0.30 7.81
CA ALA B 214 -30.05 0.77 7.33
C ALA B 214 -31.48 0.37 7.54
N ALA B 215 -32.36 1.34 7.71
CA ALA B 215 -33.73 1.04 7.98
C ALA B 215 -34.55 2.12 7.24
N THR B 216 -35.71 1.69 6.73
CA THR B 216 -36.70 2.63 6.27
C THR B 216 -37.78 2.80 7.36
N GLY B 217 -38.57 3.87 7.21
CA GLY B 217 -39.55 4.27 8.19
C GLY B 217 -40.59 3.22 8.46
N ALA B 218 -41.12 3.26 9.68
CA ALA B 218 -42.28 2.45 10.11
C ALA B 218 -43.63 2.87 9.45
N SER B 219 -43.79 4.15 9.10
CA SER B 219 -45.04 4.61 8.54
C SER B 219 -44.94 4.64 7.04
N LYS B 220 -46.10 4.43 6.39
CA LYS B 220 -46.22 4.60 4.94
C LYS B 220 -45.67 5.96 4.50
N GLY B 221 -44.93 5.98 3.40
CA GLY B 221 -44.51 7.24 2.82
C GLY B 221 -43.17 7.74 3.33
N TYR B 222 -42.69 7.15 4.45
CA TYR B 222 -41.41 7.53 5.12
C TYR B 222 -40.36 6.50 4.70
N ILE B 223 -39.86 6.75 3.50
CA ILE B 223 -39.23 5.75 2.72
C ILE B 223 -38.06 6.44 2.02
N GLU B 224 -36.97 5.68 1.84
CA GLU B 224 -35.85 6.16 1.11
C GLU B 224 -35.01 4.93 0.80
N THR B 225 -34.17 5.03 -0.23
CA THR B 225 -33.24 3.92 -0.57
C THR B 225 -31.97 4.05 0.31
N HIS B 226 -31.25 2.95 0.56
CA HIS B 226 -29.93 3.00 1.15
C HIS B 226 -28.98 2.12 0.29
N ASP B 227 -28.46 2.70 -0.79
CA ASP B 227 -27.66 1.95 -1.80
C ASP B 227 -26.21 2.19 -1.57
N VAL B 228 -25.43 1.12 -1.29
CA VAL B 228 -23.98 1.25 -1.21
C VAL B 228 -23.43 0.81 -2.60
N PHE B 229 -22.56 1.64 -3.19
CA PHE B 229 -21.98 1.38 -4.50
C PHE B 229 -20.62 0.76 -4.41
N SER B 230 -19.85 1.14 -3.38
CA SER B 230 -18.50 0.60 -3.21
C SER B 230 -18.06 0.78 -1.75
N TRP B 231 -17.05 0.01 -1.33
CA TRP B 231 -16.61 -0.03 0.09
C TRP B 231 -15.22 -0.59 0.23
N SER B 232 -14.37 0.14 0.96
CA SER B 232 -13.06 -0.38 1.19
C SER B 232 -12.69 -0.19 2.69
N PHE B 233 -11.84 -1.07 3.20
CA PHE B 233 -11.54 -1.15 4.66
C PHE B 233 -10.16 -1.66 4.88
N ALA B 234 -9.49 -1.13 5.91
CA ALA B 234 -8.15 -1.55 6.24
C ALA B 234 -7.91 -1.28 7.74
N SER B 235 -7.40 -2.28 8.47
CA SER B 235 -7.19 -2.12 9.89
C SER B 235 -5.73 -2.47 10.10
N LYS B 236 -5.14 -1.91 11.15
CA LYS B 236 -3.80 -2.29 11.52
C LYS B 236 -3.65 -2.30 13.03
N LEU B 237 -3.42 -3.50 13.59
CA LEU B 237 -3.21 -3.70 15.03
C LEU B 237 -1.75 -4.05 15.34
N ALA B 238 -1.02 -3.08 15.87
CA ALA B 238 0.40 -3.28 16.14
C ALA B 238 0.71 -4.08 17.41
N GLY B 239 1.73 -4.97 17.29
CA GLY B 239 2.08 -5.97 18.34
C GLY B 239 3.09 -5.52 19.39
N ALA C 1 -11.15 -2.69 -8.97
CA ALA C 1 -10.73 -4.05 -8.48
C ALA C 1 -11.48 -4.55 -7.25
N GLU C 2 -11.57 -5.87 -7.14
CA GLU C 2 -11.95 -6.57 -5.97
C GLU C 2 -10.68 -7.10 -5.35
N GLU C 3 -10.44 -6.68 -4.11
CA GLU C 3 -9.20 -6.98 -3.42
C GLU C 3 -9.42 -7.56 -2.04
N THR C 4 -8.52 -8.46 -1.66
CA THR C 4 -8.57 -9.08 -0.37
C THR C 4 -7.16 -9.20 0.09
N SER C 5 -6.86 -8.75 1.31
CA SER C 5 -5.55 -8.93 1.88
C SER C 5 -5.54 -9.12 3.39
N PHE C 6 -4.50 -9.79 3.91
CA PHE C 6 -4.36 -9.82 5.31
C PHE C 6 -2.94 -10.00 5.66
N VAL C 7 -2.61 -9.65 6.91
CA VAL C 7 -1.30 -10.02 7.46
C VAL C 7 -1.41 -10.61 8.89
N PHE C 8 -0.80 -11.79 9.06
CA PHE C 8 -0.56 -12.41 10.35
C PHE C 8 0.93 -12.33 10.60
N SER C 9 1.38 -11.35 11.36
CA SER C 9 2.79 -11.34 11.72
C SER C 9 3.11 -12.27 12.88
N LYS C 10 2.09 -12.69 13.62
CA LYS C 10 2.11 -13.99 14.31
C LYS C 10 0.71 -14.44 14.38
N PHE C 11 0.48 -15.61 14.98
CA PHE C 11 -0.86 -16.16 15.14
C PHE C 11 -1.22 -16.15 16.64
N LYS C 12 -2.49 -16.35 16.97
CA LYS C 12 -2.89 -16.27 18.38
C LYS C 12 -3.75 -17.45 18.72
N PRO C 13 -3.83 -17.82 20.02
CA PRO C 13 -4.70 -18.95 20.38
C PRO C 13 -6.19 -18.73 20.01
N LEU C 14 -6.73 -17.52 20.23
CA LEU C 14 -8.01 -17.25 19.67
C LEU C 14 -7.80 -16.56 18.28
N GLU C 15 -8.02 -17.29 17.18
CA GLU C 15 -7.83 -16.72 15.83
C GLU C 15 -9.08 -16.98 14.96
N PRO C 16 -10.19 -16.22 15.15
CA PRO C 16 -11.39 -16.62 14.35
C PRO C 16 -11.35 -16.28 12.89
N ASN C 17 -10.38 -15.47 12.42
CA ASN C 17 -10.20 -15.31 10.96
C ASN C 17 -9.32 -16.39 10.30
N LEU C 18 -8.92 -17.42 11.07
CA LEU C 18 -8.31 -18.61 10.49
C LEU C 18 -9.30 -19.80 10.68
N ILE C 19 -9.35 -20.70 9.72
CA ILE C 19 -10.07 -21.96 9.92
C ILE C 19 -9.03 -23.08 10.03
N LEU C 20 -8.93 -23.62 11.23
CA LEU C 20 -8.07 -24.80 11.53
C LEU C 20 -8.75 -26.11 11.24
N GLN C 21 -8.12 -26.95 10.43
CA GLN C 21 -8.63 -28.32 10.19
C GLN C 21 -7.63 -29.38 10.60
N GLY C 22 -8.15 -30.58 10.91
CA GLY C 22 -7.26 -31.71 11.18
C GLY C 22 -6.55 -31.39 12.47
N ASP C 23 -5.24 -31.60 12.54
CA ASP C 23 -4.48 -31.42 13.79
C ASP C 23 -3.94 -30.01 14.09
N ALA C 24 -4.09 -29.08 13.13
CA ALA C 24 -3.52 -27.72 13.25
C ALA C 24 -3.98 -26.95 14.46
N LEU C 25 -3.02 -26.37 15.16
CA LEU C 25 -3.29 -25.58 16.32
C LEU C 25 -2.30 -24.38 16.37
N VAL C 26 -2.67 -23.33 17.06
CA VAL C 26 -1.71 -22.28 17.25
C VAL C 26 -1.31 -22.38 18.75
N THR C 27 -0.03 -22.19 19.04
CA THR C 27 0.48 -22.33 20.44
C THR C 27 0.42 -20.97 21.13
N VAL C 28 0.66 -21.00 22.44
CA VAL C 28 0.63 -19.77 23.23
C VAL C 28 1.74 -18.82 22.74
N ALA C 29 2.83 -19.37 22.22
CA ALA C 29 3.93 -18.54 21.65
C ALA C 29 3.62 -17.96 20.23
N GLY C 30 2.44 -18.22 19.69
CA GLY C 30 2.00 -17.63 18.41
C GLY C 30 2.44 -18.40 17.16
N VAL C 31 2.77 -19.66 17.33
CA VAL C 31 3.25 -20.49 16.24
C VAL C 31 2.10 -21.33 15.71
N LEU C 32 1.87 -21.28 14.40
CA LEU C 32 0.94 -22.20 13.75
C LEU C 32 1.63 -23.52 13.52
N GLN C 33 1.30 -24.52 14.37
CA GLN C 33 1.80 -25.88 14.27
C GLN C 33 0.79 -26.68 13.43
N LEU C 34 1.04 -26.81 12.14
CA LEU C 34 0.10 -27.49 11.22
C LEU C 34 0.02 -28.98 11.56
N THR C 35 1.14 -29.59 12.00
CA THR C 35 1.07 -31.03 12.39
C THR C 35 1.51 -31.17 13.82
N ASN C 36 1.05 -32.24 14.48
CA ASN C 36 1.33 -32.54 15.92
C ASN C 36 2.78 -32.48 16.38
N VAL C 37 3.02 -31.76 17.46
CA VAL C 37 4.36 -31.61 18.04
C VAL C 37 4.09 -31.79 19.53
N ASP C 38 4.82 -32.69 20.22
CA ASP C 38 4.55 -32.84 21.65
C ASP C 38 5.25 -31.77 22.42
N LYS C 39 5.27 -31.89 23.75
CA LYS C 39 5.69 -30.76 24.56
C LYS C 39 7.18 -30.43 24.49
N ASN C 40 7.99 -31.41 24.09
CA ASN C 40 9.42 -31.26 23.95
C ASN C 40 9.87 -30.75 22.55
N GLY C 41 8.89 -30.45 21.70
CA GLY C 41 9.14 -30.07 20.32
C GLY C 41 9.26 -31.25 19.36
N VAL C 42 8.90 -32.45 19.81
CA VAL C 42 9.13 -33.62 18.95
C VAL C 42 7.93 -33.87 18.08
N PRO C 43 8.14 -33.87 16.74
CA PRO C 43 6.97 -34.06 15.90
C PRO C 43 6.49 -35.48 15.96
N GLU C 44 5.21 -35.66 15.65
CA GLU C 44 4.57 -36.97 15.75
C GLU C 44 4.15 -37.46 14.38
N PRO C 45 4.13 -38.79 14.20
CA PRO C 45 3.81 -39.38 12.89
C PRO C 45 2.31 -39.34 12.69
N SER C 46 1.87 -39.72 11.48
CA SER C 46 0.43 -39.96 11.23
C SER C 46 -0.40 -38.69 11.45
N SER C 47 0.21 -37.52 11.22
CA SER C 47 -0.45 -36.24 11.48
C SER C 47 -0.77 -35.52 10.17
N LEU C 48 -1.91 -34.82 10.12
CA LEU C 48 -2.32 -33.99 8.97
C LEU C 48 -3.02 -32.78 9.49
N GLY C 49 -2.65 -31.59 9.05
CA GLY C 49 -3.29 -30.38 9.59
C GLY C 49 -3.39 -29.29 8.51
N ARG C 50 -4.42 -28.46 8.57
CA ARG C 50 -4.52 -27.32 7.63
C ARG C 50 -5.07 -26.08 8.31
N ALA C 51 -4.80 -24.94 7.67
CA ALA C 51 -5.27 -23.66 8.16
C ALA C 51 -5.55 -22.81 6.92
N THR C 52 -6.69 -22.17 6.89
CA THR C 52 -7.07 -21.38 5.72
C THR C 52 -7.73 -20.09 6.19
N TYR C 53 -7.48 -19.00 5.44
CA TYR C 53 -8.09 -17.71 5.81
C TYR C 53 -9.59 -17.79 5.74
N SER C 54 -10.26 -17.12 6.64
CA SER C 54 -11.63 -17.38 6.84
C SER C 54 -12.53 -16.78 5.75
N ALA C 55 -12.07 -15.71 5.09
CA ALA C 55 -12.82 -15.10 3.99
C ALA C 55 -12.51 -15.69 2.58
N PRO C 56 -13.56 -15.99 1.79
CA PRO C 56 -13.43 -16.44 0.41
C PRO C 56 -12.71 -15.35 -0.33
N ILE C 57 -11.91 -15.70 -1.30
CA ILE C 57 -11.23 -14.78 -2.18
C ILE C 57 -11.75 -14.90 -3.65
N ASN C 58 -12.04 -13.77 -4.31
CA ASN C 58 -12.51 -13.78 -5.72
C ASN C 58 -11.28 -13.90 -6.62
N ILE C 59 -11.11 -15.05 -7.22
CA ILE C 59 -9.89 -15.32 -7.96
C ILE C 59 -10.00 -15.10 -9.51
N TRP C 60 -11.20 -15.23 -10.07
CA TRP C 60 -11.44 -14.89 -11.47
C TRP C 60 -12.92 -14.58 -11.61
N ASP C 61 -13.35 -14.09 -12.77
CA ASP C 61 -14.71 -13.54 -12.90
C ASP C 61 -15.25 -13.93 -14.27
N SER C 62 -16.40 -14.60 -14.27
CA SER C 62 -16.89 -15.22 -15.50
C SER C 62 -17.50 -14.12 -16.41
N ALA C 63 -17.99 -13.05 -15.82
CA ALA C 63 -18.55 -11.93 -16.60
C ALA C 63 -17.52 -11.18 -17.47
N THR C 64 -16.38 -10.79 -16.87
CA THR C 64 -15.32 -10.11 -17.56
C THR C 64 -14.30 -11.09 -18.17
N GLY C 65 -14.23 -12.30 -17.62
CA GLY C 65 -13.15 -13.25 -17.98
C GLY C 65 -11.76 -12.95 -17.39
N LEU C 66 -11.68 -11.95 -16.49
CA LEU C 66 -10.40 -11.60 -15.86
C LEU C 66 -10.05 -12.57 -14.71
N VAL C 67 -8.74 -12.76 -14.52
CA VAL C 67 -8.27 -13.51 -13.37
C VAL C 67 -7.45 -12.55 -12.49
N ALA C 68 -7.48 -12.81 -11.18
CA ALA C 68 -6.66 -12.04 -10.20
C ALA C 68 -5.16 -12.28 -10.30
N SER C 69 -4.38 -11.25 -10.07
CA SER C 69 -3.06 -11.45 -9.60
C SER C 69 -3.10 -11.62 -8.09
N PHE C 70 -2.14 -12.35 -7.58
CA PHE C 70 -1.95 -12.37 -6.16
C PHE C 70 -0.47 -12.52 -5.77
N ALA C 71 -0.26 -12.35 -4.47
CA ALA C 71 1.08 -12.46 -3.94
C ALA C 71 0.96 -12.87 -2.53
N THR C 72 1.83 -13.77 -2.09
CA THR C 72 1.77 -14.23 -0.72
C THR C 72 3.18 -14.49 -0.20
N SER C 73 3.42 -14.16 1.06
CA SER C 73 4.68 -14.53 1.71
C SER C 73 4.50 -15.13 3.09
N PHE C 74 5.36 -16.07 3.42
CA PHE C 74 5.30 -16.66 4.70
C PHE C 74 6.64 -17.15 5.14
N ARG C 75 6.73 -17.35 6.45
CA ARG C 75 7.96 -17.76 7.09
C ARG C 75 7.60 -19.09 7.79
N PHE C 76 8.37 -20.16 7.56
CA PHE C 76 8.10 -21.48 8.21
C PHE C 76 9.36 -22.22 8.61
N THR C 77 9.27 -23.09 9.61
CA THR C 77 10.35 -23.94 9.96
C THR C 77 9.92 -25.37 9.95
N ILE C 78 10.81 -26.22 9.44
CA ILE C 78 10.63 -27.64 9.45
C ILE C 78 11.81 -28.17 10.22
N TYR C 79 11.52 -28.89 11.29
CA TYR C 79 12.58 -29.42 12.19
C TYR C 79 12.41 -30.93 12.22
N ALA C 80 13.43 -31.68 11.86
CA ALA C 80 13.38 -33.16 12.00
C ALA C 80 14.43 -33.59 13.03
N PRO C 81 14.01 -34.35 14.06
CA PRO C 81 14.99 -34.90 15.00
C PRO C 81 15.96 -35.89 14.34
N ASN C 82 15.55 -36.46 13.20
CA ASN C 82 16.50 -37.27 12.39
C ASN C 82 16.37 -36.96 10.89
N ILE C 83 17.27 -36.13 10.37
CA ILE C 83 17.12 -35.60 9.00
C ILE C 83 17.25 -36.74 7.93
N ALA C 84 17.63 -37.95 8.37
CA ALA C 84 17.69 -39.12 7.46
C ALA C 84 16.31 -39.75 7.23
N THR C 85 15.35 -39.47 8.13
CA THR C 85 14.03 -40.06 8.01
C THR C 85 12.96 -38.96 8.16
N ILE C 86 12.55 -38.33 7.03
CA ILE C 86 11.60 -37.17 7.03
C ILE C 86 10.44 -37.37 6.03
N ALA C 87 9.33 -36.68 6.27
CA ALA C 87 8.04 -36.81 5.55
C ALA C 87 7.00 -35.97 6.28
N ASP C 88 5.92 -35.58 5.62
CA ASP C 88 5.80 -35.63 4.16
C ASP C 88 5.97 -34.27 3.50
N GLY C 89 5.61 -33.18 4.17
CA GLY C 89 5.98 -31.81 3.71
C GLY C 89 4.83 -30.86 3.95
N LEU C 90 4.84 -29.70 3.30
CA LEU C 90 3.76 -28.80 3.45
C LEU C 90 3.46 -28.03 2.17
N ALA C 91 2.36 -27.26 2.15
CA ALA C 91 1.89 -26.62 0.89
C ALA C 91 1.02 -25.44 1.22
N PHE C 92 1.21 -24.42 0.38
CA PHE C 92 0.33 -23.26 0.28
C PHE C 92 -0.61 -23.62 -0.89
N PHE C 93 -1.88 -23.35 -0.73
CA PHE C 93 -2.83 -23.83 -1.72
C PHE C 93 -4.05 -22.95 -1.87
N LEU C 94 -4.66 -23.04 -3.04
CA LEU C 94 -5.93 -22.37 -3.31
C LEU C 94 -6.90 -23.49 -3.69
N ALA C 95 -8.06 -23.57 -3.05
CA ALA C 95 -9.01 -24.64 -3.39
C ALA C 95 -10.43 -24.08 -3.27
N PRO C 96 -11.47 -24.89 -3.60
CA PRO C 96 -12.84 -24.37 -3.40
C PRO C 96 -13.12 -23.93 -1.95
N VAL C 97 -14.09 -23.05 -1.79
CA VAL C 97 -14.37 -22.45 -0.51
C VAL C 97 -14.68 -23.48 0.57
N ALA C 98 -15.51 -24.48 0.22
CA ALA C 98 -15.93 -25.49 1.18
C ALA C 98 -14.88 -26.62 1.39
N SER C 99 -13.70 -26.49 0.76
CA SER C 99 -12.66 -27.54 0.79
C SER C 99 -12.28 -28.05 2.21
N ALA C 100 -12.10 -29.37 2.27
CA ALA C 100 -11.73 -30.10 3.50
C ALA C 100 -10.56 -31.04 3.20
N PRO C 101 -9.80 -31.42 4.24
CA PRO C 101 -8.58 -32.19 4.06
C PRO C 101 -8.84 -33.53 3.34
N ASP C 102 -8.01 -33.78 2.33
CA ASP C 102 -8.08 -35.05 1.62
C ASP C 102 -7.13 -36.07 2.29
N SER C 103 -6.65 -37.05 1.52
CA SER C 103 -5.81 -38.14 2.04
C SER C 103 -4.57 -37.53 2.68
N GLY C 104 -4.02 -38.16 3.73
CA GLY C 104 -2.76 -37.68 4.36
C GLY C 104 -1.39 -38.11 3.79
N GLY C 105 -0.32 -38.09 4.63
CA GLY C 105 0.99 -38.57 4.14
C GLY C 105 1.43 -37.81 2.87
N GLY C 106 1.96 -38.48 1.84
CA GLY C 106 2.44 -37.72 0.66
C GLY C 106 1.38 -37.03 -0.23
N PHE C 107 0.10 -37.27 0.10
CA PHE C 107 -1.03 -36.59 -0.55
C PHE C 107 -1.15 -35.23 0.04
N LEU C 108 -0.45 -34.99 1.15
CA LEU C 108 -0.26 -33.65 1.71
C LEU C 108 -1.59 -32.97 2.10
N GLY C 109 -2.64 -33.78 2.34
CA GLY C 109 -3.96 -33.25 2.69
C GLY C 109 -4.73 -32.60 1.51
N LEU C 110 -4.25 -32.74 0.30
CA LEU C 110 -4.79 -31.99 -0.83
C LEU C 110 -5.34 -32.86 -1.97
N PHE C 111 -4.94 -34.12 -2.03
CA PHE C 111 -5.36 -34.98 -3.13
C PHE C 111 -5.67 -36.38 -2.57
N ASP C 112 -6.40 -37.18 -3.33
CA ASP C 112 -6.82 -38.53 -2.90
C ASP C 112 -6.09 -39.75 -3.47
N SER C 113 -5.41 -39.56 -4.58
CA SER C 113 -4.58 -40.60 -5.19
C SER C 113 -3.64 -39.85 -6.13
N ALA C 114 -2.87 -40.63 -6.88
CA ALA C 114 -1.86 -40.10 -7.81
C ALA C 114 -2.42 -39.41 -9.06
N VAL C 115 -3.66 -39.76 -9.45
CA VAL C 115 -4.20 -39.34 -10.74
C VAL C 115 -4.66 -37.88 -10.72
N SER C 116 -4.58 -37.28 -11.89
CA SER C 116 -5.06 -35.93 -12.11
C SER C 116 -6.59 -35.97 -12.29
N GLY C 117 -7.28 -34.91 -11.88
CA GLY C 117 -8.74 -34.88 -11.81
C GLY C 117 -9.22 -33.46 -11.63
N SER C 118 -9.92 -32.96 -12.65
CA SER C 118 -10.31 -31.53 -12.73
C SER C 118 -11.22 -31.14 -11.58
N THR C 119 -11.85 -32.14 -10.97
CA THR C 119 -12.75 -31.91 -9.87
C THR C 119 -12.06 -31.44 -8.58
N TYR C 120 -10.75 -31.69 -8.42
CA TYR C 120 -10.02 -31.17 -7.27
C TYR C 120 -10.11 -29.60 -7.13
N GLN C 121 -10.14 -28.92 -8.26
CA GLN C 121 -10.01 -27.46 -8.35
C GLN C 121 -9.02 -26.85 -7.36
N THR C 122 -7.89 -27.50 -7.27
CA THR C 122 -6.87 -27.20 -6.31
C THR C 122 -5.58 -26.87 -7.08
N VAL C 123 -4.97 -25.77 -6.72
CA VAL C 123 -3.65 -25.40 -7.18
C VAL C 123 -2.71 -25.29 -5.93
N ALA C 124 -1.56 -25.95 -5.94
CA ALA C 124 -0.68 -25.88 -4.76
C ALA C 124 0.77 -25.71 -5.08
N VAL C 125 1.50 -25.09 -4.17
CA VAL C 125 2.91 -25.02 -4.30
C VAL C 125 3.37 -25.84 -3.10
N GLU C 126 4.03 -26.98 -3.34
CA GLU C 126 4.41 -27.91 -2.26
C GLU C 126 5.84 -27.76 -1.88
N PHE C 127 6.11 -28.09 -0.63
CA PHE C 127 7.49 -28.11 -0.14
C PHE C 127 7.61 -29.53 0.42
N ASP C 128 8.08 -30.42 -0.45
CA ASP C 128 7.91 -31.85 -0.32
C ASP C 128 9.20 -32.56 0.17
N THR C 129 9.07 -33.32 1.26
CA THR C 129 10.27 -33.77 1.95
C THR C 129 10.57 -35.26 1.83
N TYR C 130 9.73 -35.97 1.06
CA TYR C 130 9.79 -37.45 0.91
C TYR C 130 9.42 -37.89 -0.52
N GLU C 131 10.29 -38.67 -1.14
CA GLU C 131 10.07 -39.09 -2.53
C GLU C 131 9.03 -40.23 -2.65
N ASN C 132 7.87 -39.91 -3.24
CA ASN C 132 6.83 -40.89 -3.58
C ASN C 132 7.02 -41.18 -5.05
N THR C 133 7.65 -42.30 -5.35
CA THR C 133 7.93 -42.63 -6.75
C THR C 133 6.66 -42.81 -7.58
N VAL C 134 5.58 -43.32 -6.93
CA VAL C 134 4.21 -43.42 -7.52
C VAL C 134 3.70 -42.02 -8.03
N PHE C 135 4.28 -40.95 -7.49
CA PHE C 135 3.86 -39.59 -7.87
C PHE C 135 4.94 -38.97 -8.73
N THR C 136 5.93 -39.75 -9.13
CA THR C 136 6.97 -39.20 -10.00
C THR C 136 7.82 -38.14 -9.23
N ASP C 137 7.82 -38.22 -7.88
CA ASP C 137 8.62 -37.28 -7.05
C ASP C 137 10.06 -37.46 -7.50
N PRO C 138 10.78 -36.34 -7.79
CA PRO C 138 12.27 -36.41 -8.08
C PRO C 138 13.08 -36.95 -6.89
N PRO C 139 14.31 -37.43 -7.14
CA PRO C 139 15.01 -38.12 -6.06
C PRO C 139 15.60 -37.16 -5.01
N TYR C 140 15.01 -35.96 -4.88
CA TYR C 140 15.50 -35.01 -3.89
C TYR C 140 14.36 -34.23 -3.27
N THR C 141 14.57 -33.66 -2.06
CA THR C 141 13.51 -32.82 -1.46
C THR C 141 13.25 -31.65 -2.46
N HIS C 142 12.01 -31.20 -2.66
CA HIS C 142 11.77 -30.27 -3.82
C HIS C 142 10.56 -29.36 -3.59
N ILE C 143 10.58 -28.25 -4.33
CA ILE C 143 9.45 -27.38 -4.50
C ILE C 143 8.68 -27.84 -5.73
N GLY C 144 7.37 -27.84 -5.70
CA GLY C 144 6.63 -28.30 -6.90
C GLY C 144 5.33 -27.53 -7.01
N PHE C 145 4.80 -27.49 -8.24
CA PHE C 145 3.57 -26.81 -8.55
C PHE C 145 2.62 -27.96 -8.84
N ASP C 146 1.53 -28.00 -8.11
CA ASP C 146 0.56 -29.12 -8.17
C ASP C 146 -0.79 -28.54 -8.68
N VAL C 147 -1.25 -28.99 -9.84
CA VAL C 147 -2.46 -28.47 -10.48
C VAL C 147 -3.43 -29.60 -10.67
N ASN C 148 -4.40 -29.73 -9.75
CA ASN C 148 -5.34 -30.87 -9.77
C ASN C 148 -4.71 -32.30 -9.70
N SER C 149 -3.51 -32.42 -9.14
CA SER C 149 -2.77 -33.70 -9.07
C SER C 149 -1.57 -33.51 -8.13
N ILE C 150 -1.23 -34.59 -7.40
CA ILE C 150 -0.02 -34.62 -6.55
C ILE C 150 1.30 -34.78 -7.38
N SER C 151 1.15 -35.23 -8.64
CA SER C 151 2.28 -35.33 -9.53
C SER C 151 2.52 -33.90 -10.08
N SER C 152 3.54 -33.21 -9.53
CA SER C 152 3.80 -31.80 -9.90
C SER C 152 3.85 -31.59 -11.39
N ILE C 153 3.31 -30.49 -11.91
CA ILE C 153 3.55 -30.10 -13.32
C ILE C 153 5.01 -29.66 -13.50
N LYS C 154 5.64 -29.11 -12.46
CA LYS C 154 7.04 -28.74 -12.59
C LYS C 154 7.60 -28.79 -11.23
N THR C 155 8.87 -29.13 -11.08
CA THR C 155 9.52 -29.06 -9.80
C THR C 155 10.90 -28.50 -9.93
N VAL C 156 11.50 -28.10 -8.80
CA VAL C 156 12.91 -27.75 -8.75
C VAL C 156 13.43 -28.25 -7.41
N LYS C 157 14.73 -28.50 -7.33
CA LYS C 157 15.38 -28.88 -6.10
C LYS C 157 15.32 -27.80 -4.99
N TRP C 158 15.12 -28.26 -3.75
CA TRP C 158 15.06 -27.44 -2.53
C TRP C 158 15.79 -28.23 -1.40
N SER C 159 16.93 -27.71 -0.97
CA SER C 159 17.75 -28.35 0.05
C SER C 159 17.27 -27.86 1.47
N LEU C 160 16.53 -28.70 2.17
CA LEU C 160 15.98 -28.41 3.48
C LEU C 160 17.11 -28.03 4.45
N ALA C 161 17.07 -26.81 5.03
CA ALA C 161 17.97 -26.51 6.17
C ALA C 161 17.27 -26.82 7.51
N ASN C 162 17.69 -27.92 8.15
CA ASN C 162 16.93 -28.48 9.28
C ASN C 162 16.83 -27.49 10.45
N GLY C 163 15.60 -27.15 10.83
CA GLY C 163 15.30 -26.32 12.02
C GLY C 163 15.42 -24.82 11.82
N GLU C 164 15.79 -24.43 10.60
CA GLU C 164 15.98 -23.00 10.26
C GLU C 164 14.76 -22.45 9.53
N ALA C 165 14.45 -21.17 9.73
CA ALA C 165 13.29 -20.52 9.18
C ALA C 165 13.48 -20.20 7.68
N ALA C 166 12.48 -20.55 6.89
CA ALA C 166 12.55 -20.34 5.41
C ALA C 166 11.55 -19.20 5.07
N LYS C 167 11.93 -18.18 4.29
CA LYS C 167 11.01 -17.10 3.84
C LYS C 167 10.61 -17.43 2.40
N VAL C 168 9.32 -17.58 2.18
CA VAL C 168 8.71 -17.91 0.85
C VAL C 168 7.96 -16.72 0.27
N LEU C 169 8.16 -16.44 -1.04
CA LEU C 169 7.28 -15.54 -1.79
C LEU C 169 6.64 -16.29 -2.95
N ILE C 170 5.34 -16.21 -3.08
CA ILE C 170 4.64 -16.88 -4.21
C ILE C 170 3.88 -15.77 -4.88
N THR C 171 4.00 -15.66 -6.18
CA THR C 171 3.36 -14.62 -6.93
C THR C 171 2.69 -15.21 -8.16
N TYR C 172 1.59 -14.58 -8.55
CA TYR C 172 0.88 -14.94 -9.75
C TYR C 172 0.52 -13.68 -10.55
N ASN C 173 1.05 -13.56 -11.76
CA ASN C 173 0.75 -12.40 -12.58
C ASN C 173 -0.28 -12.82 -13.59
N SER C 174 -1.44 -12.18 -13.55
CA SER C 174 -2.53 -12.62 -14.41
C SER C 174 -2.30 -12.27 -15.88
N ALA C 175 -1.57 -11.19 -16.15
CA ALA C 175 -1.28 -10.80 -17.54
C ALA C 175 -0.37 -11.84 -18.20
N VAL C 176 0.64 -12.29 -17.49
CA VAL C 176 1.54 -13.34 -18.04
C VAL C 176 1.11 -14.77 -17.66
N LYS C 177 0.19 -14.94 -16.67
CA LYS C 177 -0.19 -16.29 -16.13
C LYS C 177 0.99 -17.07 -15.51
N LEU C 178 1.99 -16.36 -15.05
CA LEU C 178 3.18 -16.98 -14.48
C LEU C 178 3.11 -17.03 -12.97
N LEU C 179 3.06 -18.24 -12.45
CA LEU C 179 3.24 -18.48 -11.07
C LEU C 179 4.74 -18.63 -10.77
N VAL C 180 5.20 -17.90 -9.77
CA VAL C 180 6.55 -18.00 -9.33
C VAL C 180 6.59 -18.28 -7.81
N ALA C 181 7.47 -19.20 -7.41
CA ALA C 181 7.70 -19.48 -6.00
C ALA C 181 9.19 -19.40 -5.75
N SER C 182 9.56 -18.60 -4.75
CA SER C 182 10.93 -18.51 -4.26
C SER C 182 11.06 -18.87 -2.76
N LEU C 183 12.18 -19.44 -2.32
CA LEU C 183 12.37 -19.77 -0.91
C LEU C 183 13.76 -19.38 -0.56
N VAL C 184 13.94 -18.74 0.59
CA VAL C 184 15.28 -18.30 0.99
C VAL C 184 15.54 -18.63 2.50
N TYR C 185 16.74 -19.12 2.84
CA TYR C 185 17.20 -19.25 4.26
C TYR C 185 18.14 -18.13 4.63
N PRO C 186 17.64 -17.12 5.36
CA PRO C 186 18.52 -16.02 5.82
C PRO C 186 19.76 -16.55 6.54
N SER C 187 19.55 -17.58 7.39
CA SER C 187 20.62 -18.22 8.18
C SER C 187 21.69 -18.84 7.29
N SER C 188 21.26 -19.57 6.26
CA SER C 188 22.19 -20.27 5.35
C SER C 188 22.59 -19.47 4.11
N LYS C 189 21.85 -18.38 3.80
CA LYS C 189 22.04 -17.62 2.57
C LYS C 189 21.82 -18.41 1.27
N THR C 190 21.03 -19.49 1.38
CA THR C 190 20.67 -20.31 0.22
C THR C 190 19.29 -19.88 -0.29
N SER C 191 19.03 -20.10 -1.58
CA SER C 191 17.80 -19.67 -2.24
C SER C 191 17.48 -20.59 -3.43
N PHE C 192 16.20 -20.68 -3.80
CA PHE C 192 15.64 -21.68 -4.71
C PHE C 192 14.45 -20.99 -5.35
N ILE C 193 14.19 -21.24 -6.63
CA ILE C 193 13.03 -20.53 -7.28
C ILE C 193 12.54 -21.42 -8.39
N LEU C 194 11.29 -21.22 -8.76
CA LEU C 194 10.56 -22.08 -9.75
C LEU C 194 9.49 -21.18 -10.39
N ALA C 195 9.32 -21.26 -11.71
CA ALA C 195 8.37 -20.43 -12.37
C ALA C 195 7.65 -21.30 -13.40
N ASP C 196 6.34 -21.12 -13.61
CA ASP C 196 5.67 -21.91 -14.68
C ASP C 196 4.44 -21.12 -15.07
N ILE C 197 3.92 -21.33 -16.28
CA ILE C 197 2.59 -20.80 -16.64
C ILE C 197 1.47 -21.77 -16.14
N VAL C 198 0.48 -21.21 -15.43
CA VAL C 198 -0.69 -21.96 -14.95
C VAL C 198 -1.91 -21.10 -15.29
N ASP C 199 -2.91 -21.69 -15.96
CA ASP C 199 -4.17 -21.00 -16.22
C ASP C 199 -5.17 -21.24 -15.11
N LEU C 200 -5.25 -20.30 -14.16
CA LEU C 200 -6.13 -20.46 -12.99
C LEU C 200 -7.61 -20.59 -13.37
N SER C 201 -8.03 -19.75 -14.33
CA SER C 201 -9.42 -19.67 -14.80
C SER C 201 -9.98 -21.01 -15.20
N SER C 202 -9.14 -21.91 -15.69
CA SER C 202 -9.57 -23.23 -16.06
C SER C 202 -9.50 -24.26 -14.93
N VAL C 203 -8.77 -23.98 -13.85
CA VAL C 203 -8.66 -25.01 -12.79
C VAL C 203 -9.42 -24.66 -11.49
N LEU C 204 -9.44 -23.39 -11.10
CA LEU C 204 -10.05 -22.98 -9.82
C LEU C 204 -11.46 -22.46 -10.01
N PRO C 205 -12.31 -22.56 -8.96
CA PRO C 205 -13.60 -21.90 -9.06
C PRO C 205 -13.41 -20.38 -9.00
N GLU C 206 -14.41 -19.57 -9.37
CA GLU C 206 -14.23 -18.08 -9.26
C GLU C 206 -13.89 -17.61 -7.81
N TRP C 207 -14.33 -18.41 -6.83
CA TRP C 207 -14.16 -18.15 -5.42
C TRP C 207 -13.41 -19.31 -4.79
N VAL C 208 -12.43 -19.01 -3.93
CA VAL C 208 -11.59 -20.01 -3.32
C VAL C 208 -11.29 -19.56 -1.85
N ARG C 209 -10.80 -20.51 -1.06
CA ARG C 209 -10.12 -20.14 0.20
C ARG C 209 -8.70 -20.51 0.02
N VAL C 210 -7.83 -19.87 0.79
CA VAL C 210 -6.43 -20.13 0.59
C VAL C 210 -5.82 -20.44 1.94
N GLY C 211 -4.70 -21.17 1.96
CA GLY C 211 -4.02 -21.48 3.20
C GLY C 211 -2.92 -22.48 3.02
N PHE C 212 -2.70 -23.26 4.09
CA PHE C 212 -1.58 -24.16 4.26
C PHE C 212 -2.07 -25.59 4.55
N SER C 213 -1.34 -26.60 4.06
CA SER C 213 -1.66 -27.99 4.43
C SER C 213 -0.37 -28.70 4.73
N ALA C 214 -0.37 -29.60 5.71
CA ALA C 214 0.89 -30.33 6.00
C ALA C 214 0.58 -31.71 6.56
N ALA C 215 1.52 -32.65 6.40
CA ALA C 215 1.36 -34.05 6.86
C ALA C 215 2.74 -34.59 7.26
N THR C 216 2.81 -35.37 8.35
CA THR C 216 4.04 -36.10 8.65
C THR C 216 3.85 -37.52 8.16
N GLY C 217 4.90 -38.34 8.25
CA GLY C 217 4.93 -39.63 7.57
C GLY C 217 4.03 -40.66 8.26
N ALA C 218 3.65 -41.67 7.50
CA ALA C 218 2.78 -42.74 7.99
C ALA C 218 3.53 -43.70 8.95
N SER C 219 4.83 -43.81 8.76
CA SER C 219 5.68 -44.74 9.50
C SER C 219 6.39 -44.01 10.61
N GLY C 220 6.47 -44.62 11.78
CA GLY C 220 7.09 -43.95 12.94
C GLY C 220 8.53 -43.65 12.55
N GLY C 221 9.07 -42.54 13.03
CA GLY C 221 10.43 -42.21 12.62
C GLY C 221 10.53 -41.26 11.44
N LYS C 222 9.58 -41.31 10.48
CA LYS C 222 9.48 -40.32 9.35
C LYS C 222 8.63 -39.09 9.79
N ILE C 223 9.28 -38.19 10.53
CA ILE C 223 8.57 -37.14 11.26
C ILE C 223 9.34 -35.80 11.15
N GLU C 224 8.60 -34.71 11.14
CA GLU C 224 9.24 -33.40 11.11
C GLU C 224 8.13 -32.45 11.52
N THR C 225 8.45 -31.26 11.99
CA THR C 225 7.41 -30.26 12.31
C THR C 225 7.11 -29.49 11.01
N HIS C 226 5.99 -28.74 10.98
CA HIS C 226 5.58 -27.87 9.85
C HIS C 226 4.99 -26.62 10.54
N ASP C 227 5.88 -25.78 11.05
CA ASP C 227 5.55 -24.61 11.90
C ASP C 227 5.52 -23.34 11.04
N VAL C 228 4.40 -22.63 11.00
CA VAL C 228 4.33 -21.39 10.23
C VAL C 228 4.37 -20.23 11.24
N PHE C 229 5.26 -19.24 11.04
CA PHE C 229 5.45 -18.12 12.01
C PHE C 229 4.71 -16.86 11.62
N SER C 230 4.52 -16.69 10.31
CA SER C 230 3.84 -15.49 9.85
C SER C 230 3.37 -15.73 8.40
N TRP C 231 2.39 -14.95 7.94
CA TRP C 231 1.74 -15.18 6.64
C TRP C 231 1.07 -13.85 6.26
N SER C 232 1.38 -13.34 5.07
CA SER C 232 0.56 -12.27 4.52
C SER C 232 0.14 -12.58 3.09
N PHE C 233 -1.01 -12.02 2.66
CA PHE C 233 -1.64 -12.35 1.34
C PHE C 233 -2.25 -11.07 0.77
N ALA C 234 -2.21 -10.90 -0.56
CA ALA C 234 -2.92 -9.80 -1.22
C ALA C 234 -3.35 -10.29 -2.61
N SER C 235 -4.57 -9.97 -2.99
CA SER C 235 -5.09 -10.35 -4.30
C SER C 235 -5.75 -9.11 -4.92
N LYS C 236 -5.85 -9.18 -6.25
CA LYS C 236 -6.40 -8.07 -7.02
C LYS C 236 -7.01 -8.56 -8.30
N LEU C 237 -8.33 -8.45 -8.38
CA LEU C 237 -9.08 -8.90 -9.49
C LEU C 237 -9.60 -7.66 -10.13
N ALA C 238 -9.07 -7.36 -11.33
CA ALA C 238 -9.31 -6.09 -11.99
C ALA C 238 -10.61 -6.19 -12.76
N GLY C 239 -11.34 -5.05 -12.87
CA GLY C 239 -12.45 -4.88 -13.79
C GLY C 239 -11.95 -4.44 -15.15
N THR C 242 -1.43 -5.71 -7.94
CA THR C 242 -0.80 -5.43 -6.64
C THR C 242 0.48 -4.66 -6.93
N LYS C 243 0.81 -3.62 -6.16
CA LYS C 243 2.20 -3.15 -6.18
C LYS C 243 3.00 -4.14 -5.31
N ASP C 244 3.81 -4.95 -6.00
CA ASP C 244 4.43 -6.08 -5.36
C ASP C 244 5.62 -5.63 -4.56
N SER C 245 6.35 -4.63 -5.09
CA SER C 245 7.47 -4.09 -4.35
C SER C 245 6.90 -3.44 -3.08
N SER C 246 5.77 -2.72 -3.16
CA SER C 246 5.11 -2.33 -1.92
C SER C 246 4.57 -3.53 -1.09
N PHE C 247 4.19 -4.63 -1.77
CA PHE C 247 3.78 -5.83 -1.02
C PHE C 247 4.92 -6.62 -0.27
N LEU C 248 6.11 -6.69 -0.82
CA LEU C 248 7.22 -7.25 -0.05
C LEU C 248 7.53 -6.34 1.13
N ASP C 249 7.79 -5.08 0.81
CA ASP C 249 8.22 -4.10 1.77
C ASP C 249 7.25 -3.95 2.95
N GLY C 250 5.96 -3.84 2.65
CA GLY C 250 4.91 -3.86 3.65
C GLY C 250 4.03 -5.06 3.43
N GLY C 251 2.83 -4.84 2.87
CA GLY C 251 1.88 -5.89 2.52
C GLY C 251 1.83 -7.09 3.47
N ALA D 1 8.38 5.91 10.33
CA ALA D 1 9.20 5.60 9.12
C ALA D 1 9.42 6.79 8.15
N GLU D 2 10.62 6.86 7.60
CA GLU D 2 10.97 7.67 6.45
C GLU D 2 10.83 6.77 5.25
N GLU D 3 9.97 7.15 4.32
CA GLU D 3 9.71 6.31 3.14
C GLU D 3 9.79 7.07 1.84
N THR D 4 10.30 6.37 0.80
CA THR D 4 10.33 6.88 -0.58
C THR D 4 9.87 5.78 -1.53
N SER D 5 8.92 6.08 -2.41
CA SER D 5 8.54 5.11 -3.40
C SER D 5 8.20 5.77 -4.77
N PHE D 6 8.32 5.02 -5.85
CA PHE D 6 7.87 5.50 -7.15
C PHE D 6 7.63 4.33 -8.06
N VAL D 7 6.78 4.54 -9.06
CA VAL D 7 6.57 3.58 -10.11
C VAL D 7 6.61 4.25 -11.48
N PHE D 8 7.41 3.70 -12.39
CA PHE D 8 7.45 4.17 -13.75
C PHE D 8 6.95 2.95 -14.48
N SER D 9 5.68 2.94 -14.82
CA SER D 9 5.16 1.82 -15.60
C SER D 9 5.56 1.93 -17.05
N LYS D 10 5.96 3.12 -17.42
CA LYS D 10 6.81 3.31 -18.57
C LYS D 10 7.52 4.58 -18.35
N PHE D 11 8.37 4.94 -19.31
CA PHE D 11 9.18 6.18 -19.28
C PHE D 11 8.73 7.17 -20.33
N LYS D 12 9.12 8.44 -20.15
CA LYS D 12 8.70 9.50 -21.08
C LYS D 12 9.89 10.29 -21.58
N PRO D 13 9.82 10.75 -22.84
CA PRO D 13 10.79 11.71 -23.35
C PRO D 13 11.09 12.86 -22.37
N LEU D 14 10.06 13.51 -21.82
CA LEU D 14 10.28 14.44 -20.73
C LEU D 14 10.05 13.70 -19.41
N GLU D 15 11.14 13.39 -18.70
CA GLU D 15 11.10 12.73 -17.40
C GLU D 15 12.08 13.43 -16.42
N PRO D 16 11.69 14.55 -15.83
CA PRO D 16 12.58 15.25 -14.91
C PRO D 16 12.78 14.65 -13.52
N ASN D 17 12.05 13.56 -13.16
CA ASN D 17 12.31 12.84 -11.90
C ASN D 17 13.29 11.63 -12.16
N LEU D 18 13.81 11.56 -13.38
CA LEU D 18 14.91 10.66 -13.74
C LEU D 18 16.13 11.48 -14.24
N ILE D 19 17.26 11.32 -13.57
CA ILE D 19 18.51 11.92 -14.05
C ILE D 19 19.23 10.94 -15.01
N LEU D 20 19.32 11.33 -16.29
CA LEU D 20 20.02 10.52 -17.33
C LEU D 20 21.45 10.92 -17.47
N GLN D 21 22.34 9.92 -17.47
CA GLN D 21 23.81 10.13 -17.60
C GLN D 21 24.37 9.32 -18.78
N GLY D 22 25.43 9.83 -19.42
CA GLY D 22 26.05 9.08 -20.50
C GLY D 22 25.09 9.04 -21.68
N ASP D 23 24.96 7.86 -22.28
CA ASP D 23 24.13 7.71 -23.50
C ASP D 23 22.65 7.46 -23.27
N ALA D 24 22.24 7.39 -21.99
CA ALA D 24 20.89 6.96 -21.65
C ALA D 24 19.83 7.93 -22.17
N LEU D 25 18.82 7.35 -22.79
CA LEU D 25 17.78 8.16 -23.39
C LEU D 25 16.48 7.36 -23.33
N VAL D 26 15.37 8.09 -23.32
CA VAL D 26 14.07 7.46 -23.33
C VAL D 26 13.51 7.63 -24.75
N THR D 27 12.99 6.59 -25.37
CA THR D 27 12.44 6.74 -26.76
C THR D 27 11.00 7.24 -26.73
N VAL D 28 10.49 7.56 -27.91
CA VAL D 28 9.09 7.93 -28.07
C VAL D 28 8.16 6.77 -27.64
N ALA D 29 8.53 5.50 -27.80
CA ALA D 29 7.64 4.44 -27.26
C ALA D 29 7.76 4.17 -25.70
N GLY D 30 8.48 5.02 -24.97
CA GLY D 30 8.54 4.90 -23.50
C GLY D 30 9.60 3.97 -22.95
N VAL D 31 10.58 3.61 -23.78
CA VAL D 31 11.66 2.65 -23.45
C VAL D 31 12.91 3.42 -23.02
N LEU D 32 13.53 2.98 -21.94
CA LEU D 32 14.73 3.58 -21.39
C LEU D 32 15.84 2.75 -21.98
N GLN D 33 16.51 3.32 -23.01
CA GLN D 33 17.64 2.66 -23.65
C GLN D 33 18.84 3.24 -22.93
N LEU D 34 19.33 2.50 -21.96
CA LEU D 34 20.56 2.80 -21.22
C LEU D 34 21.78 2.96 -22.14
N THR D 35 21.93 2.08 -23.13
CA THR D 35 23.08 2.19 -24.08
C THR D 35 22.57 2.42 -25.48
N ASN D 36 23.46 2.99 -26.33
CA ASN D 36 23.12 3.45 -27.71
C ASN D 36 22.52 2.40 -28.59
N VAL D 37 21.44 2.73 -29.27
CA VAL D 37 20.83 1.79 -30.19
C VAL D 37 20.45 2.64 -31.37
N ASP D 38 20.84 2.21 -32.57
CA ASP D 38 20.50 3.03 -33.72
C ASP D 38 19.02 2.90 -34.12
N SER D 39 18.70 3.52 -35.25
CA SER D 39 17.33 3.57 -35.72
C SER D 39 16.73 2.19 -36.07
N ASN D 40 17.56 1.21 -36.44
CA ASN D 40 17.05 -0.11 -36.74
C ASN D 40 16.96 -1.05 -35.53
N GLY D 41 17.32 -0.55 -34.34
CA GLY D 41 17.33 -1.37 -33.10
C GLY D 41 18.69 -2.07 -32.96
N VAL D 42 19.67 -1.71 -33.82
CA VAL D 42 21.04 -2.27 -33.69
C VAL D 42 21.84 -1.59 -32.58
N PRO D 43 22.22 -2.36 -31.50
CA PRO D 43 22.97 -1.76 -30.40
C PRO D 43 24.37 -1.33 -30.89
N GLU D 44 24.98 -0.37 -30.20
CA GLU D 44 26.26 0.20 -30.67
C GLU D 44 27.36 -0.10 -29.64
N PRO D 45 28.64 -0.23 -30.08
CA PRO D 45 29.76 -0.54 -29.13
C PRO D 45 30.27 0.73 -28.39
N SER D 46 31.14 0.60 -27.38
CA SER D 46 31.72 1.81 -26.74
C SER D 46 30.60 2.71 -26.11
N SER D 47 29.51 2.09 -25.62
CA SER D 47 28.45 2.90 -25.03
C SER D 47 28.38 2.68 -23.53
N LEU D 48 27.88 3.68 -22.79
CA LEU D 48 27.73 3.57 -21.34
C LEU D 48 26.67 4.58 -20.92
N GLY D 49 25.70 4.13 -20.13
CA GLY D 49 24.62 5.00 -19.77
C GLY D 49 24.02 4.59 -18.42
N ARG D 50 23.42 5.57 -17.74
CA ARG D 50 22.81 5.36 -16.44
C ARG D 50 21.59 6.24 -16.29
N ALA D 51 20.70 5.82 -15.40
CA ALA D 51 19.52 6.59 -15.08
C ALA D 51 19.33 6.40 -13.60
N THR D 52 19.26 7.47 -12.87
CA THR D 52 18.88 7.32 -11.46
C THR D 52 17.71 8.20 -11.11
N TYR D 53 16.94 7.73 -10.12
CA TYR D 53 15.80 8.55 -9.61
C TYR D 53 16.28 9.84 -8.98
N SER D 54 15.55 10.93 -9.23
CA SER D 54 16.06 12.21 -8.89
C SER D 54 16.09 12.55 -7.39
N ALA D 55 15.16 12.01 -6.57
CA ALA D 55 15.21 12.23 -5.11
C ALA D 55 16.15 11.26 -4.39
N PRO D 56 17.06 11.78 -3.58
CA PRO D 56 17.94 10.98 -2.73
C PRO D 56 17.04 10.14 -1.81
N ILE D 57 17.47 8.97 -1.42
CA ILE D 57 16.72 8.09 -0.55
C ILE D 57 17.53 7.93 0.77
N ASN D 58 16.84 8.02 1.92
CA ASN D 58 17.43 7.73 3.23
C ASN D 58 17.54 6.22 3.48
N ILE D 59 18.77 5.67 3.42
CA ILE D 59 18.98 4.22 3.48
C ILE D 59 19.40 3.71 4.88
N TRP D 60 20.05 4.55 5.67
CA TRP D 60 20.22 4.27 7.09
C TRP D 60 20.36 5.54 7.91
N ASP D 61 20.27 5.41 9.23
CA ASP D 61 20.23 6.56 10.11
C ASP D 61 21.28 6.49 11.20
N SER D 62 22.11 7.52 11.27
CA SER D 62 23.24 7.58 12.17
C SER D 62 22.81 7.60 13.68
N ALA D 63 21.80 8.42 13.99
CA ALA D 63 21.30 8.56 15.37
C ALA D 63 20.64 7.31 15.94
N THR D 64 19.76 6.67 15.19
CA THR D 64 19.16 5.45 15.69
C THR D 64 20.01 4.18 15.34
N GLY D 65 20.87 4.32 14.32
CA GLY D 65 21.63 3.16 13.80
C GLY D 65 20.81 2.18 12.95
N LEU D 66 19.56 2.51 12.66
CA LEU D 66 18.72 1.60 11.89
C LEU D 66 19.00 1.69 10.39
N VAL D 67 18.76 0.58 9.71
CA VAL D 67 18.88 0.54 8.24
C VAL D 67 17.53 0.35 7.55
N ALA D 68 17.36 0.94 6.37
CA ALA D 68 16.16 0.72 5.56
C ALA D 68 16.03 -0.68 5.02
N SER D 69 14.77 -1.10 4.90
CA SER D 69 14.44 -2.23 4.13
C SER D 69 14.08 -1.59 2.79
N PHE D 70 14.38 -2.30 1.71
CA PHE D 70 13.79 -1.88 0.41
C PHE D 70 13.44 -3.01 -0.54
N ALA D 71 12.70 -2.67 -1.62
CA ALA D 71 12.28 -3.62 -2.64
C ALA D 71 12.19 -2.84 -3.93
N THR D 72 12.62 -3.46 -5.01
CA THR D 72 12.53 -2.82 -6.27
C THR D 72 12.23 -3.87 -7.33
N SER D 73 11.33 -3.54 -8.24
CA SER D 73 11.16 -4.41 -9.42
C SER D 73 11.32 -3.66 -10.73
N PHE D 74 11.72 -4.38 -11.77
CA PHE D 74 11.88 -3.81 -13.09
C PHE D 74 11.85 -4.93 -14.13
N ARG D 75 11.53 -4.54 -15.35
CA ARG D 75 11.39 -5.44 -16.53
C ARG D 75 12.39 -4.86 -17.54
N PHE D 76 13.24 -5.69 -18.14
CA PHE D 76 14.29 -5.18 -19.06
C PHE D 76 14.49 -6.18 -20.17
N THR D 77 14.94 -5.69 -21.33
CA THR D 77 15.41 -6.59 -22.36
C THR D 77 16.82 -6.34 -22.83
N ILE D 78 17.58 -7.43 -22.97
CA ILE D 78 18.84 -7.40 -23.65
C ILE D 78 18.67 -8.16 -24.97
N TYR D 79 18.90 -7.43 -26.06
CA TYR D 79 18.87 -7.99 -27.43
C TYR D 79 20.24 -7.99 -28.06
N ALA D 80 20.75 -9.16 -28.47
CA ALA D 80 22.02 -9.19 -29.19
C ALA D 80 21.84 -9.66 -30.61
N PRO D 81 22.37 -8.91 -31.59
CA PRO D 81 22.32 -9.36 -33.00
C PRO D 81 23.10 -10.64 -33.21
N ASN D 82 24.15 -10.88 -32.39
CA ASN D 82 24.98 -12.09 -32.48
C ASN D 82 25.29 -12.53 -31.06
N ILE D 83 24.55 -13.53 -30.56
CA ILE D 83 24.66 -13.96 -29.18
C ILE D 83 25.99 -14.72 -28.94
N ALA D 84 26.78 -14.97 -29.99
CA ALA D 84 28.17 -15.47 -29.84
C ALA D 84 29.13 -14.40 -29.29
N THR D 85 28.78 -13.10 -29.40
CA THR D 85 29.71 -12.02 -29.00
C THR D 85 28.93 -10.89 -28.32
N ILE D 86 28.79 -10.98 -26.99
CA ILE D 86 27.97 -10.02 -26.20
C ILE D 86 28.76 -9.34 -25.05
N ALA D 87 28.36 -8.13 -24.66
CA ALA D 87 29.01 -7.38 -23.60
C ALA D 87 28.20 -6.09 -23.38
N ASP D 88 28.26 -5.49 -22.18
CA ASP D 88 29.00 -5.99 -21.03
C ASP D 88 27.98 -6.30 -19.91
N GLY D 89 26.93 -5.47 -19.84
CA GLY D 89 25.76 -5.88 -19.12
C GLY D 89 25.11 -4.70 -18.46
N LEU D 90 24.28 -4.97 -17.49
CA LEU D 90 23.55 -3.89 -16.81
C LEU D 90 23.45 -4.12 -15.30
N ALA D 91 23.25 -3.04 -14.53
CA ALA D 91 23.13 -3.26 -13.06
C ALA D 91 22.19 -2.25 -12.45
N PHE D 92 21.47 -2.70 -11.40
CA PHE D 92 20.73 -1.84 -10.53
C PHE D 92 21.69 -1.51 -9.37
N PHE D 93 21.69 -0.27 -8.87
CA PHE D 93 22.69 0.13 -7.90
C PHE D 93 22.22 1.22 -6.95
N LEU D 94 22.88 1.27 -5.81
CA LEU D 94 22.83 2.40 -4.83
C LEU D 94 24.22 2.98 -4.66
N ALA D 95 24.31 4.30 -4.67
CA ALA D 95 25.57 4.96 -4.65
C ALA D 95 25.35 6.34 -4.07
N PRO D 96 26.44 7.10 -3.78
CA PRO D 96 26.19 8.42 -3.17
C PRO D 96 25.34 9.29 -4.07
N VAL D 97 24.73 10.31 -3.47
CA VAL D 97 23.81 11.18 -4.19
C VAL D 97 24.48 11.86 -5.40
N ALA D 98 25.70 12.34 -5.24
CA ALA D 98 26.35 13.04 -6.38
C ALA D 98 27.07 12.10 -7.33
N SER D 99 26.73 10.81 -7.30
CA SER D 99 27.52 9.84 -8.13
C SER D 99 27.41 10.09 -9.64
N ALA D 100 28.55 9.92 -10.30
CA ALA D 100 28.61 10.14 -11.73
C ALA D 100 29.22 8.89 -12.41
N PRO D 101 29.00 8.72 -13.72
CA PRO D 101 29.54 7.43 -14.26
C PRO D 101 31.07 7.22 -14.15
N ASP D 102 31.49 5.99 -13.84
CA ASP D 102 32.92 5.65 -13.83
C ASP D 102 33.22 4.88 -15.11
N SER D 103 34.23 4.03 -15.09
CA SER D 103 34.76 3.42 -16.31
C SER D 103 33.70 2.56 -16.99
N GLY D 104 33.81 2.43 -18.33
CA GLY D 104 32.84 1.63 -19.13
C GLY D 104 33.20 0.14 -19.26
N GLY D 105 32.77 -0.49 -20.37
CA GLY D 105 33.04 -1.93 -20.57
C GLY D 105 32.63 -2.72 -19.30
N GLY D 106 33.41 -3.73 -18.90
CA GLY D 106 33.01 -4.60 -17.78
C GLY D 106 32.94 -3.97 -16.39
N PHE D 107 33.31 -2.68 -16.28
CA PHE D 107 33.15 -1.88 -15.04
C PHE D 107 31.75 -1.35 -14.87
N LEU D 108 30.94 -1.53 -15.92
CA LEU D 108 29.49 -1.26 -15.87
C LEU D 108 29.11 0.16 -15.44
N GLY D 109 30.02 1.11 -15.61
CA GLY D 109 29.81 2.52 -15.16
C GLY D 109 29.88 2.76 -13.62
N LEU D 110 30.26 1.74 -12.86
CA LEU D 110 30.16 1.72 -11.41
C LEU D 110 31.50 1.68 -10.63
N PHE D 111 32.56 1.19 -11.28
CA PHE D 111 33.85 1.17 -10.64
C PHE D 111 34.98 1.60 -11.63
N ASP D 112 36.16 1.87 -11.09
CA ASP D 112 37.35 2.26 -11.93
C ASP D 112 38.40 1.19 -12.18
N SER D 113 38.44 0.18 -11.34
CA SER D 113 39.32 -0.96 -11.67
C SER D 113 38.85 -2.22 -10.94
N ALA D 114 39.71 -3.23 -10.93
CA ALA D 114 39.36 -4.56 -10.39
C ALA D 114 39.29 -4.56 -8.85
N VAL D 115 40.03 -3.64 -8.26
CA VAL D 115 40.26 -3.60 -6.83
C VAL D 115 39.03 -3.10 -6.05
N GLY D 116 38.89 -3.64 -4.83
CA GLY D 116 37.95 -3.19 -3.84
C GLY D 116 38.43 -1.90 -3.22
N ASP D 117 37.49 -1.00 -2.93
CA ASP D 117 37.75 0.34 -2.39
C ASP D 117 36.47 0.80 -1.67
N THR D 118 36.53 0.91 -0.34
CA THR D 118 35.41 1.41 0.48
C THR D 118 34.87 2.82 0.07
N THR D 119 35.72 3.60 -0.60
CA THR D 119 35.38 4.92 -1.10
C THR D 119 34.29 4.91 -2.22
N TYR D 120 34.12 3.80 -2.93
CA TYR D 120 33.03 3.70 -3.91
C TYR D 120 31.62 3.95 -3.30
N GLN D 121 31.43 3.42 -2.09
CA GLN D 121 30.18 3.42 -1.36
C GLN D 121 29.00 3.06 -2.30
N THR D 122 29.22 2.00 -3.05
CA THR D 122 28.22 1.59 -4.03
C THR D 122 28.00 0.11 -3.88
N VAL D 123 26.75 -0.27 -3.94
CA VAL D 123 26.29 -1.63 -3.88
C VAL D 123 25.49 -1.82 -5.18
N ALA D 124 25.79 -2.90 -5.89
CA ALA D 124 25.08 -3.18 -7.07
C ALA D 124 24.71 -4.69 -7.24
N VAL D 125 23.59 -4.93 -7.94
CA VAL D 125 23.19 -6.24 -8.43
C VAL D 125 23.42 -6.15 -9.95
N GLU D 126 24.44 -6.86 -10.42
CA GLU D 126 24.76 -6.82 -11.83
C GLU D 126 24.19 -8.02 -12.59
N PHE D 127 23.90 -7.78 -13.87
CA PHE D 127 23.44 -8.80 -14.80
C PHE D 127 24.49 -8.70 -15.92
N ASP D 128 25.47 -9.59 -15.82
CA ASP D 128 26.78 -9.44 -16.49
C ASP D 128 26.90 -10.49 -17.61
N THR D 129 27.24 -10.00 -18.81
CA THR D 129 27.13 -10.82 -20.01
C THR D 129 28.49 -11.13 -20.63
N TYR D 130 29.57 -10.73 -19.96
CA TYR D 130 30.90 -10.94 -20.55
C TYR D 130 31.86 -11.35 -19.45
N GLU D 131 32.60 -12.45 -19.64
CA GLU D 131 33.53 -12.88 -18.57
C GLU D 131 34.81 -11.98 -18.53
N ASN D 132 34.94 -11.17 -17.49
CA ASN D 132 36.25 -10.59 -17.24
C ASN D 132 37.01 -11.48 -16.27
N THR D 133 38.00 -12.23 -16.76
CA THR D 133 38.75 -13.12 -15.83
C THR D 133 39.49 -12.30 -14.79
N VAL D 134 39.97 -11.13 -15.25
CA VAL D 134 40.52 -10.06 -14.42
C VAL D 134 39.59 -9.63 -13.22
N PHE D 135 38.29 -9.87 -13.33
CA PHE D 135 37.38 -9.53 -12.22
C PHE D 135 36.88 -10.78 -11.51
N THR D 136 37.52 -11.91 -11.77
CA THR D 136 37.06 -13.21 -11.25
C THR D 136 35.64 -13.58 -11.79
N ASP D 137 35.22 -12.98 -12.91
CA ASP D 137 33.93 -13.35 -13.49
C ASP D 137 33.86 -14.85 -13.70
N PRO D 138 32.72 -15.47 -13.33
CA PRO D 138 32.55 -16.93 -13.51
C PRO D 138 32.40 -17.26 -15.01
N PRO D 139 32.37 -18.54 -15.36
CA PRO D 139 32.49 -18.76 -16.81
C PRO D 139 31.22 -18.54 -17.60
N TYR D 140 30.15 -18.12 -16.93
CA TYR D 140 28.86 -18.03 -17.58
C TYR D 140 28.26 -16.66 -17.30
N THR D 141 27.29 -16.26 -18.12
CA THR D 141 26.54 -15.04 -17.85
C THR D 141 25.89 -15.21 -16.46
N HIS D 142 25.90 -14.16 -15.63
CA HIS D 142 25.61 -14.34 -14.21
C HIS D 142 25.00 -13.08 -13.59
N ILE D 143 24.34 -13.29 -12.46
CA ILE D 143 23.87 -12.24 -11.58
C ILE D 143 24.95 -12.14 -10.51
N GLY D 144 25.37 -10.93 -10.13
CA GLY D 144 26.34 -10.81 -9.00
C GLY D 144 25.93 -9.68 -8.06
N PHE D 145 26.37 -9.79 -6.82
CA PHE D 145 26.24 -8.68 -5.88
C PHE D 145 27.63 -8.06 -5.80
N ASP D 146 27.71 -6.78 -6.12
CA ASP D 146 28.95 -6.03 -6.10
C ASP D 146 28.90 -5.08 -4.90
N VAL D 147 29.81 -5.25 -3.96
CA VAL D 147 29.89 -4.41 -2.79
C VAL D 147 31.24 -3.70 -2.82
N ASN D 148 31.26 -2.44 -3.29
CA ASN D 148 32.48 -1.64 -3.41
C ASN D 148 33.55 -2.23 -4.33
N SER D 149 33.18 -3.19 -5.16
CA SER D 149 34.10 -3.83 -6.08
C SER D 149 33.27 -4.53 -7.16
N ILE D 150 33.83 -4.54 -8.37
CA ILE D 150 33.33 -5.27 -9.56
C ILE D 150 33.53 -6.80 -9.51
N SER D 151 34.43 -7.22 -8.61
CA SER D 151 34.56 -8.60 -8.19
C SER D 151 33.39 -9.01 -7.28
N SER D 152 32.36 -9.62 -7.86
CA SER D 152 31.14 -9.93 -7.05
C SER D 152 31.47 -10.64 -5.75
N ILE D 153 30.92 -10.23 -4.61
CA ILE D 153 31.08 -11.05 -3.37
C ILE D 153 30.32 -12.39 -3.51
N LYS D 154 29.34 -12.45 -4.41
CA LYS D 154 28.67 -13.74 -4.67
C LYS D 154 28.04 -13.69 -6.03
N THR D 155 27.95 -14.80 -6.75
CA THR D 155 27.26 -14.82 -8.05
C THR D 155 26.45 -16.10 -8.22
N VAL D 156 25.66 -16.17 -9.31
CA VAL D 156 24.96 -17.37 -9.69
C VAL D 156 24.68 -17.28 -11.17
N LYS D 157 24.46 -18.43 -11.79
CA LYS D 157 24.30 -18.50 -13.23
C LYS D 157 23.00 -17.78 -13.60
N TRP D 158 23.00 -17.03 -14.71
CA TRP D 158 21.81 -16.44 -15.30
C TRP D 158 21.93 -16.73 -16.78
N SER D 159 21.01 -17.55 -17.31
CA SER D 159 21.01 -17.88 -18.76
C SER D 159 20.18 -16.82 -19.58
N LEU D 160 20.88 -16.03 -20.38
CA LEU D 160 20.26 -14.96 -21.16
C LEU D 160 19.30 -15.50 -22.23
N ALA D 161 18.03 -15.08 -22.18
CA ALA D 161 17.03 -15.38 -23.23
C ALA D 161 17.01 -14.16 -24.19
N ASN D 162 17.83 -14.25 -25.22
CA ASN D 162 18.05 -13.17 -26.20
C ASN D 162 16.76 -12.52 -26.70
N GLY D 163 16.69 -11.20 -26.48
CA GLY D 163 15.54 -10.40 -26.90
C GLY D 163 14.20 -10.55 -26.16
N GLU D 164 14.17 -11.34 -25.07
CA GLU D 164 12.97 -11.52 -24.24
C GLU D 164 13.02 -10.67 -22.97
N ALA D 165 11.86 -10.21 -22.49
CA ALA D 165 11.80 -9.34 -21.30
C ALA D 165 11.96 -10.12 -20.02
N ALA D 166 12.81 -9.62 -19.12
CA ALA D 166 13.16 -10.28 -17.84
C ALA D 166 12.55 -9.49 -16.72
N LYS D 167 11.86 -10.13 -15.77
CA LYS D 167 11.31 -9.37 -14.67
C LYS D 167 12.24 -9.64 -13.49
N VAL D 168 12.82 -8.61 -12.92
CA VAL D 168 13.64 -8.73 -11.66
C VAL D 168 12.91 -8.21 -10.45
N LEU D 169 13.08 -8.89 -9.31
CA LEU D 169 12.76 -8.39 -7.95
C LEU D 169 14.04 -8.41 -7.09
N ILE D 170 14.34 -7.32 -6.40
CA ILE D 170 15.52 -7.24 -5.52
C ILE D 170 14.95 -6.70 -4.26
N THR D 171 15.26 -7.38 -3.16
CA THR D 171 14.78 -6.98 -1.87
C THR D 171 15.95 -6.98 -0.94
N TYR D 172 15.85 -6.11 0.05
CA TYR D 172 16.80 -6.06 1.18
C TYR D 172 15.99 -5.98 2.50
N ASN D 173 16.09 -7.01 3.32
CA ASN D 173 15.44 -6.92 4.62
C ASN D 173 16.48 -6.53 5.65
N SER D 174 16.21 -5.43 6.36
CA SER D 174 17.22 -4.88 7.29
C SER D 174 17.33 -5.67 8.59
N ALA D 175 16.27 -6.40 8.96
CA ALA D 175 16.36 -7.24 10.17
C ALA D 175 17.38 -8.37 9.94
N VAL D 176 17.31 -9.00 8.77
CA VAL D 176 18.21 -10.10 8.49
C VAL D 176 19.44 -9.67 7.73
N LYS D 177 19.49 -8.42 7.23
CA LYS D 177 20.61 -8.01 6.32
C LYS D 177 20.68 -8.82 4.99
N LEU D 178 19.62 -9.49 4.62
CA LEU D 178 19.66 -10.34 3.43
C LEU D 178 19.25 -9.57 2.17
N LEU D 179 20.13 -9.59 1.18
CA LEU D 179 19.89 -9.01 -0.10
C LEU D 179 19.53 -10.20 -0.91
N VAL D 180 18.44 -10.08 -1.67
CA VAL D 180 17.94 -11.13 -2.54
C VAL D 180 17.59 -10.56 -3.88
N ALA D 181 18.06 -11.27 -4.90
CA ALA D 181 17.75 -10.87 -6.25
C ALA D 181 17.23 -12.05 -7.02
N SER D 182 16.10 -11.87 -7.72
CA SER D 182 15.56 -12.91 -8.61
C SER D 182 15.25 -12.40 -10.03
N LEU D 183 15.27 -13.26 -11.05
CA LEU D 183 14.97 -12.86 -12.43
C LEU D 183 14.22 -13.97 -13.02
N VAL D 184 13.17 -13.66 -13.76
CA VAL D 184 12.31 -14.65 -14.39
C VAL D 184 12.04 -14.17 -15.84
N TYR D 185 11.96 -15.10 -16.79
CA TYR D 185 11.49 -14.85 -18.15
C TYR D 185 10.15 -15.55 -18.31
N PRO D 186 9.06 -14.76 -18.39
CA PRO D 186 7.73 -15.31 -18.57
C PRO D 186 7.66 -16.10 -19.88
N SER D 187 8.45 -15.72 -20.90
CA SER D 187 8.43 -16.36 -22.19
C SER D 187 9.02 -17.81 -22.13
N SER D 188 10.20 -17.96 -21.54
CA SER D 188 10.83 -19.26 -21.39
C SER D 188 10.49 -20.02 -20.13
N LYS D 189 9.82 -19.36 -19.18
CA LYS D 189 9.50 -19.97 -17.87
C LYS D 189 10.75 -20.38 -17.03
N THR D 190 11.90 -19.80 -17.36
CA THR D 190 13.14 -19.92 -16.57
C THR D 190 13.24 -18.87 -15.45
N SER D 191 13.98 -19.23 -14.40
CA SER D 191 14.08 -18.40 -13.19
C SER D 191 15.38 -18.62 -12.42
N PHE D 192 15.91 -17.54 -11.83
CA PHE D 192 17.25 -17.56 -11.23
C PHE D 192 17.19 -16.72 -9.99
N ILE D 193 17.94 -17.06 -8.92
CA ILE D 193 17.83 -16.27 -7.69
C ILE D 193 19.18 -16.36 -6.96
N LEU D 194 19.47 -15.33 -6.15
CA LEU D 194 20.75 -15.27 -5.41
C LEU D 194 20.43 -14.56 -4.13
N ALA D 195 21.08 -14.95 -3.02
CA ALA D 195 20.89 -14.30 -1.74
C ALA D 195 22.22 -14.22 -1.00
N ASP D 196 22.43 -13.15 -0.24
CA ASP D 196 23.66 -13.00 0.56
C ASP D 196 23.35 -11.96 1.62
N ILE D 197 24.03 -12.04 2.77
CA ILE D 197 24.08 -10.98 3.78
C ILE D 197 24.97 -9.82 3.35
N VAL D 198 24.44 -8.60 3.43
CA VAL D 198 25.18 -7.40 3.09
C VAL D 198 24.92 -6.35 4.16
N ASP D 199 25.99 -5.75 4.70
CA ASP D 199 25.86 -4.73 5.76
C ASP D 199 25.83 -3.35 5.13
N LEU D 200 24.65 -2.78 4.86
CA LEU D 200 24.62 -1.52 4.04
C LEU D 200 25.21 -0.34 4.80
N SER D 201 25.02 -0.41 6.13
CA SER D 201 25.39 0.61 7.07
C SER D 201 26.86 0.94 6.97
N SER D 202 27.66 -0.08 6.66
CA SER D 202 29.10 0.08 6.68
C SER D 202 29.68 0.32 5.29
N VAL D 203 28.86 0.20 4.25
CA VAL D 203 29.33 0.45 2.88
C VAL D 203 28.74 1.75 2.27
N LEU D 204 27.43 1.94 2.41
CA LEU D 204 26.73 3.11 1.84
C LEU D 204 26.68 4.34 2.75
N PRO D 205 26.50 5.55 2.16
CA PRO D 205 26.28 6.65 3.08
C PRO D 205 24.80 6.65 3.51
N GLU D 206 24.43 7.52 4.47
CA GLU D 206 23.04 7.58 4.95
C GLU D 206 22.04 7.86 3.84
N TRP D 207 22.50 8.64 2.86
CA TRP D 207 21.66 9.10 1.78
C TRP D 207 22.29 8.58 0.47
N VAL D 208 21.44 8.10 -0.45
CA VAL D 208 21.91 7.49 -1.72
C VAL D 208 20.97 7.87 -2.88
N ARG D 209 21.46 7.78 -4.11
CA ARG D 209 20.57 7.74 -5.26
C ARG D 209 20.60 6.32 -5.78
N VAL D 210 19.50 5.92 -6.42
CA VAL D 210 19.35 4.60 -6.92
C VAL D 210 18.97 4.64 -8.37
N GLY D 211 19.42 3.65 -9.11
CA GLY D 211 18.99 3.47 -10.50
C GLY D 211 19.75 2.35 -11.23
N PHE D 212 20.03 2.58 -12.50
CA PHE D 212 20.57 1.54 -13.37
C PHE D 212 21.78 2.08 -14.08
N SER D 213 22.69 1.18 -14.43
CA SER D 213 23.85 1.56 -15.22
C SER D 213 24.10 0.42 -16.22
N ALA D 214 24.64 0.72 -17.39
CA ALA D 214 24.86 -0.38 -18.38
C ALA D 214 25.94 0.00 -19.36
N ALA D 215 26.50 -1.01 -20.04
CA ALA D 215 27.56 -0.74 -20.97
C ALA D 215 27.61 -1.79 -22.09
N THR D 216 28.08 -1.37 -23.23
CA THR D 216 28.33 -2.28 -24.31
C THR D 216 29.82 -2.52 -24.47
N GLY D 217 30.16 -3.48 -25.31
CA GLY D 217 31.53 -3.92 -25.40
C GLY D 217 32.41 -2.83 -25.95
N ALA D 218 33.66 -2.90 -25.53
CA ALA D 218 34.75 -2.11 -26.10
C ALA D 218 35.10 -2.61 -27.52
N SER D 219 34.96 -3.91 -27.77
CA SER D 219 35.27 -4.49 -29.09
C SER D 219 34.09 -4.34 -30.03
N LYS D 220 34.38 -4.16 -31.31
CA LYS D 220 33.36 -4.12 -32.37
C LYS D 220 32.65 -5.46 -32.38
N GLY D 221 31.36 -5.44 -32.68
CA GLY D 221 30.55 -6.67 -32.70
C GLY D 221 30.13 -7.20 -31.33
N TYR D 222 30.73 -6.66 -30.26
CA TYR D 222 30.40 -7.09 -28.87
C TYR D 222 29.35 -6.16 -28.27
N ILE D 223 28.12 -6.39 -28.68
CA ILE D 223 27.07 -5.37 -28.58
C ILE D 223 25.81 -6.05 -28.14
N GLU D 224 25.02 -5.36 -27.31
CA GLU D 224 23.70 -5.82 -27.00
C GLU D 224 22.97 -4.55 -26.55
N THR D 225 21.64 -4.57 -26.55
CA THR D 225 20.82 -3.46 -26.02
C THR D 225 20.71 -3.69 -24.49
N HIS D 226 20.32 -2.64 -23.75
CA HIS D 226 20.04 -2.73 -22.29
C HIS D 226 18.82 -1.83 -22.11
N ASP D 227 17.66 -2.36 -22.50
CA ASP D 227 16.39 -1.58 -22.56
C ASP D 227 15.55 -1.81 -21.29
N VAL D 228 15.18 -0.76 -20.54
CA VAL D 228 14.38 -0.94 -19.34
C VAL D 228 12.95 -0.48 -19.70
N PHE D 229 11.95 -1.30 -19.40
CA PHE D 229 10.57 -0.99 -19.79
C PHE D 229 9.73 -0.35 -18.69
N SER D 230 9.95 -0.80 -17.44
CA SER D 230 9.24 -0.29 -16.27
C SER D 230 10.12 -0.51 -15.02
N TRP D 231 9.83 0.20 -13.94
CA TRP D 231 10.66 0.14 -12.70
C TRP D 231 9.79 0.65 -11.58
N SER D 232 9.75 -0.09 -10.48
CA SER D 232 9.17 0.52 -9.30
C SER D 232 10.10 0.30 -8.09
N PHE D 233 9.97 1.16 -7.10
CA PHE D 233 10.91 1.15 -5.89
C PHE D 233 10.10 1.58 -4.65
N ALA D 234 10.41 0.97 -3.48
CA ALA D 234 9.80 1.34 -2.20
C ALA D 234 10.89 1.10 -1.15
N SER D 235 11.21 2.13 -0.39
CA SER D 235 12.02 1.93 0.79
C SER D 235 11.27 2.29 2.07
N LYS D 236 11.78 1.75 3.18
CA LYS D 236 11.22 2.06 4.46
C LYS D 236 12.31 2.02 5.55
N LEU D 237 12.51 3.16 6.18
CA LEU D 237 13.52 3.30 7.20
C LEU D 237 12.79 3.62 8.48
N ALA D 238 12.81 2.68 9.41
CA ALA D 238 12.08 2.81 10.72
C ALA D 238 12.81 3.62 11.78
N GLY D 239 12.04 4.35 12.59
CA GLY D 239 12.57 4.99 13.80
C GLY D 239 12.74 3.97 14.92
#